data_5Z8T
#
_entry.id   5Z8T
#
_cell.length_a   177.256
_cell.length_b   177.256
_cell.length_c   285.322
_cell.angle_alpha   90.000
_cell.angle_beta   90.000
_cell.angle_gamma   90.000
#
_symmetry.space_group_name_H-M   'I 41 2 2'
#
loop_
_entity.id
_entity.type
_entity.pdbx_description
1 polymer 'Acyl-CoA dehydrogenase type 2 domain protein'
2 non-polymer 'FLAVIN-ADENINE DINUCLEOTIDE'
3 water water
#
_entity_poly.entity_id   1
_entity_poly.type   'polypeptide(L)'
_entity_poly.pdbx_seq_one_letter_code
;AMYDIYGEAALPADVRERLRITRDLAQAFHERAPEHDRAGDFPFENIEDLKASGYVRWTVPVEYGGLGLSLEEMLMHQEV
LAKGDGSTALAIGWHVGILLHLRETGAFPDELFRMVCESVVKEGALINSCATEPATGSPSRGGKPETTAVKVPGGYRITG
RKTFSTLSPALTWIMVTATVADEDVVGQFLVRKEDVEIVETWDTLGMRATGSHDIVLKDVFVPEERVIVIQRPGVQAERR
PDGSGWLLHIPACYLGIALAARDFALEYAATYRPNTLPHPIAEVPHVEQKLGEMELKLLAARTLLYDLARRFDAASPEER
VKLQPQFGAVKTLATNAANQVVDLAMRVVGGRSLSRALPLERYYRDVRAGLHNPPMDDVVYRNLAKAALARRAAGQAGR
;
_entity_poly.pdbx_strand_id   A,B,C
#
# COMPACT_ATOMS: atom_id res chain seq x y z
N ALA A 1 39.74 -5.45 -0.51
CA ALA A 1 39.06 -5.43 -1.86
C ALA A 1 38.85 -6.82 -2.46
N MET A 2 39.90 -7.61 -2.40
CA MET A 2 39.87 -9.05 -2.69
C MET A 2 39.68 -9.72 -1.31
N TYR A 3 38.55 -9.41 -0.70
CA TYR A 3 38.22 -9.88 0.64
C TYR A 3 38.10 -11.41 0.76
N ASP A 4 37.65 -12.06 -0.29
CA ASP A 4 37.57 -13.52 -0.30
C ASP A 4 38.94 -14.20 -0.07
N ILE A 5 40.01 -13.56 -0.51
CA ILE A 5 41.36 -14.04 -0.22
C ILE A 5 41.89 -13.46 1.09
N TYR A 6 41.80 -12.13 1.20
CA TYR A 6 42.52 -11.36 2.23
C TYR A 6 41.71 -11.00 3.49
N GLY A 7 40.47 -11.49 3.59
CA GLY A 7 39.57 -11.20 4.71
C GLY A 7 38.80 -9.89 4.59
N GLU A 8 37.60 -9.86 5.18
CA GLU A 8 36.78 -8.63 5.27
C GLU A 8 37.19 -7.63 6.38
N ALA A 9 38.00 -8.06 7.36
CA ALA A 9 38.35 -7.23 8.52
C ALA A 9 38.91 -5.86 8.13
N ALA A 10 39.76 -5.80 7.11
CA ALA A 10 40.27 -4.54 6.56
C ALA A 10 39.17 -3.47 6.34
N LEU A 11 38.03 -3.87 5.77
CA LEU A 11 36.99 -2.95 5.27
C LEU A 11 36.21 -2.22 6.35
N PRO A 12 35.83 -0.96 6.09
CA PRO A 12 35.06 -0.21 7.05
C PRO A 12 33.61 -0.67 7.20
N ALA A 13 32.96 -0.26 8.27
CA ALA A 13 31.59 -0.67 8.59
C ALA A 13 30.60 -0.53 7.45
N ASP A 14 30.57 0.66 6.83
CA ASP A 14 29.55 0.97 5.83
C ASP A 14 29.82 0.22 4.54
N VAL A 15 31.06 -0.10 4.25
CA VAL A 15 31.38 -0.92 3.10
C VAL A 15 30.93 -2.33 3.38
N ARG A 16 31.13 -2.79 4.62
CA ARG A 16 30.71 -4.15 4.96
C ARG A 16 29.22 -4.36 4.87
N GLU A 17 28.46 -3.35 5.27
CA GLU A 17 27.03 -3.36 5.09
C GLU A 17 26.65 -3.37 3.62
N ARG A 18 27.32 -2.57 2.79
CA ARG A 18 27.01 -2.52 1.37
C ARG A 18 27.29 -3.84 0.69
N LEU A 19 28.34 -4.50 1.16
CA LEU A 19 28.76 -5.80 0.72
C LEU A 19 27.78 -6.90 1.10
N ARG A 20 27.15 -6.80 2.26
CA ARG A 20 26.09 -7.75 2.63
C ARG A 20 24.91 -7.65 1.65
N ILE A 21 24.53 -6.41 1.32
CA ILE A 21 23.51 -6.15 0.32
C ILE A 21 23.85 -6.82 -1.03
N THR A 22 25.02 -6.51 -1.63
CA THR A 22 25.33 -7.05 -2.93
C THR A 22 25.44 -8.54 -2.91
N ARG A 23 25.91 -9.11 -1.81
CA ARG A 23 26.02 -10.57 -1.66
C ARG A 23 24.69 -11.29 -1.57
N ASP A 24 23.73 -10.65 -0.91
CA ASP A 24 22.34 -11.12 -0.95
C ASP A 24 21.74 -11.04 -2.33
N LEU A 25 21.90 -9.90 -3.00
CA LEU A 25 21.38 -9.76 -4.38
C LEU A 25 21.99 -10.79 -5.30
N ALA A 26 23.28 -11.02 -5.16
CA ALA A 26 23.99 -11.99 -5.97
C ALA A 26 23.43 -13.38 -5.78
N GLN A 27 23.15 -13.73 -4.55
CA GLN A 27 22.65 -15.05 -4.23
C GLN A 27 21.21 -15.28 -4.79
N ALA A 28 20.36 -14.27 -4.73
CA ALA A 28 19.07 -14.28 -5.36
C ALA A 28 19.21 -14.45 -6.88
N PHE A 29 20.01 -13.59 -7.49
CA PHE A 29 20.20 -13.65 -8.93
C PHE A 29 20.66 -15.02 -9.33
N HIS A 30 21.45 -15.67 -8.49
CA HIS A 30 22.00 -17.01 -8.79
C HIS A 30 20.92 -18.04 -8.79
N GLU A 31 20.00 -17.95 -7.82
CA GLU A 31 18.89 -18.87 -7.78
C GLU A 31 17.98 -18.76 -9.05
N ARG A 32 17.86 -17.56 -9.57
CA ARG A 32 17.03 -17.27 -10.70
C ARG A 32 17.68 -17.39 -12.05
N ALA A 33 19.03 -17.48 -12.09
CA ALA A 33 19.77 -17.50 -13.34
C ALA A 33 19.42 -18.65 -14.27
N PRO A 34 19.24 -19.87 -13.77
CA PRO A 34 18.95 -21.03 -14.69
C PRO A 34 17.77 -20.84 -15.57
N GLU A 35 16.64 -20.50 -14.96
CA GLU A 35 15.39 -20.30 -15.69
C GLU A 35 15.46 -19.13 -16.65
N HIS A 36 16.12 -18.03 -16.29
CA HIS A 36 16.18 -16.87 -17.19
C HIS A 36 17.09 -17.21 -18.40
N ASP A 37 18.15 -17.93 -18.14
CA ASP A 37 19.04 -18.35 -19.23
C ASP A 37 18.31 -19.34 -20.14
N ARG A 38 17.50 -20.22 -19.59
CA ARG A 38 16.73 -21.17 -20.43
C ARG A 38 15.68 -20.48 -21.28
N ALA A 39 15.00 -19.50 -20.72
CA ALA A 39 13.98 -18.76 -21.46
C ALA A 39 14.58 -17.63 -22.34
N GLY A 40 15.78 -17.23 -22.03
CA GLY A 40 16.40 -16.05 -22.68
C GLY A 40 15.56 -14.78 -22.48
N ASP A 41 15.01 -14.59 -21.29
CA ASP A 41 14.08 -13.49 -21.07
C ASP A 41 14.83 -12.46 -20.22
N PHE A 42 14.20 -11.30 -20.01
CA PHE A 42 14.79 -10.31 -19.23
C PHE A 42 14.32 -10.37 -17.77
N PRO A 43 15.26 -10.27 -16.80
CA PRO A 43 14.92 -10.45 -15.40
C PRO A 43 14.48 -9.13 -14.76
N PHE A 44 13.20 -8.78 -14.95
CA PHE A 44 12.68 -7.54 -14.34
C PHE A 44 12.77 -7.60 -12.81
N GLU A 45 12.60 -8.78 -12.22
CA GLU A 45 12.66 -8.88 -10.77
C GLU A 45 14.07 -8.56 -10.19
N ASN A 46 15.12 -8.93 -10.91
CA ASN A 46 16.49 -8.58 -10.47
C ASN A 46 16.69 -7.03 -10.48
N ILE A 47 16.14 -6.34 -11.46
CA ILE A 47 16.25 -4.92 -11.61
C ILE A 47 15.44 -4.21 -10.47
N GLU A 48 14.31 -4.78 -10.14
CA GLU A 48 13.50 -4.28 -9.02
C GLU A 48 14.30 -4.38 -7.73
N ASP A 49 15.03 -5.47 -7.52
CA ASP A 49 15.85 -5.64 -6.32
C ASP A 49 16.97 -4.59 -6.32
N LEU A 50 17.63 -4.40 -7.45
CA LEU A 50 18.67 -3.41 -7.52
C LEU A 50 18.13 -2.02 -7.15
N LYS A 51 16.98 -1.66 -7.67
CA LYS A 51 16.33 -0.41 -7.38
C LYS A 51 15.92 -0.24 -5.89
N ALA A 52 15.39 -1.28 -5.28
CA ALA A 52 14.94 -1.20 -3.87
C ALA A 52 16.08 -1.24 -2.89
N SER A 53 17.20 -1.84 -3.27
CA SER A 53 18.37 -1.87 -2.45
C SER A 53 19.06 -0.51 -2.45
N GLY A 54 18.72 0.34 -3.38
CA GLY A 54 19.43 1.53 -3.63
C GLY A 54 20.66 1.47 -4.55
N TYR A 55 21.06 0.27 -5.00
CA TYR A 55 22.30 0.14 -5.75
C TYR A 55 22.40 1.08 -6.89
N VAL A 56 21.29 1.39 -7.55
CA VAL A 56 21.31 2.06 -8.85
C VAL A 56 21.69 3.49 -8.76
N ARG A 57 21.68 4.03 -7.54
CA ARG A 57 22.16 5.39 -7.25
C ARG A 57 23.47 5.44 -6.49
N TRP A 58 24.12 4.31 -6.24
CA TRP A 58 25.43 4.26 -5.54
C TRP A 58 26.57 5.14 -6.14
N THR A 59 26.61 5.28 -7.46
CA THR A 59 27.64 6.09 -8.07
C THR A 59 27.22 7.50 -8.38
N VAL A 60 25.96 7.85 -8.19
CA VAL A 60 25.51 9.22 -8.31
C VAL A 60 26.18 10.07 -7.20
N PRO A 61 26.62 11.28 -7.55
CA PRO A 61 27.27 12.05 -6.47
C PRO A 61 26.42 12.28 -5.23
N VAL A 62 27.11 12.51 -4.11
CA VAL A 62 26.46 12.75 -2.80
C VAL A 62 25.65 14.04 -2.85
N GLU A 63 26.06 14.99 -3.69
CA GLU A 63 25.30 16.24 -3.83
C GLU A 63 23.92 16.10 -4.49
N TYR A 64 23.63 14.95 -5.14
CA TYR A 64 22.26 14.68 -5.67
C TYR A 64 21.57 13.49 -5.00
N GLY A 65 22.04 13.02 -3.84
CA GLY A 65 21.40 11.93 -3.10
C GLY A 65 21.94 10.54 -3.33
N GLY A 66 23.00 10.46 -4.14
CA GLY A 66 23.66 9.22 -4.33
C GLY A 66 24.68 9.01 -3.23
N LEU A 67 25.44 7.92 -3.35
CA LEU A 67 26.46 7.55 -2.36
C LEU A 67 27.80 7.99 -2.80
N GLY A 68 27.96 8.41 -4.04
CA GLY A 68 29.29 8.82 -4.60
C GLY A 68 30.44 7.78 -4.57
N LEU A 69 30.11 6.51 -4.78
CA LEU A 69 31.09 5.47 -4.51
C LEU A 69 32.30 5.49 -5.43
N SER A 70 33.40 5.05 -4.88
CA SER A 70 34.62 4.88 -5.65
C SER A 70 34.49 3.82 -6.75
N LEU A 71 35.30 3.97 -7.78
CA LEU A 71 35.44 2.98 -8.78
C LEU A 71 35.90 1.64 -8.20
N GLU A 72 36.89 1.69 -7.31
CA GLU A 72 37.32 0.47 -6.62
C GLU A 72 36.18 -0.29 -5.95
N GLU A 73 35.37 0.40 -5.20
CA GLU A 73 34.24 -0.27 -4.50
C GLU A 73 33.18 -0.72 -5.44
N MET A 74 32.85 0.11 -6.41
CA MET A 74 31.93 -0.30 -7.48
C MET A 74 32.40 -1.60 -8.16
N LEU A 75 33.69 -1.74 -8.53
CA LEU A 75 34.15 -2.98 -9.10
C LEU A 75 33.94 -4.21 -8.22
N MET A 76 34.12 -4.04 -6.96
CA MET A 76 33.98 -5.08 -5.98
C MET A 76 32.59 -5.66 -5.96
N HIS A 77 31.61 -4.75 -5.94
CA HIS A 77 30.21 -5.12 -6.01
C HIS A 77 29.82 -5.71 -7.37
N GLN A 78 30.25 -5.09 -8.46
CA GLN A 78 30.05 -5.70 -9.77
C GLN A 78 30.56 -7.18 -9.91
N GLU A 79 31.68 -7.46 -9.24
CA GLU A 79 32.32 -8.78 -9.27
C GLU A 79 31.51 -9.76 -8.47
N VAL A 80 31.00 -9.30 -7.30
CA VAL A 80 30.12 -10.09 -6.47
C VAL A 80 28.84 -10.44 -7.24
N LEU A 81 28.20 -9.42 -7.85
CA LEU A 81 27.00 -9.56 -8.64
C LEU A 81 27.16 -10.55 -9.81
N ALA A 82 28.26 -10.46 -10.53
CA ALA A 82 28.50 -11.29 -11.68
C ALA A 82 28.69 -12.74 -11.30
N LYS A 83 29.26 -12.99 -10.14
CA LYS A 83 29.42 -14.29 -9.59
C LYS A 83 28.09 -14.96 -9.34
N GLY A 84 27.06 -14.17 -8.96
CA GLY A 84 25.67 -14.63 -8.95
C GLY A 84 25.06 -14.86 -10.34
N ASP A 85 25.06 -13.82 -11.18
CA ASP A 85 24.57 -13.89 -12.57
C ASP A 85 25.24 -12.80 -13.41
N GLY A 86 25.91 -13.21 -14.49
CA GLY A 86 26.63 -12.33 -15.32
C GLY A 86 25.84 -11.39 -16.18
N SER A 87 24.74 -11.86 -16.75
CA SER A 87 23.93 -10.99 -17.61
C SER A 87 23.44 -9.75 -16.76
N THR A 88 22.89 -9.98 -15.58
CA THR A 88 22.38 -8.92 -14.78
C THR A 88 23.50 -7.97 -14.35
N ALA A 89 24.63 -8.51 -13.91
CA ALA A 89 25.77 -7.72 -13.49
C ALA A 89 26.26 -6.83 -14.57
N LEU A 90 26.42 -7.38 -15.77
CA LEU A 90 26.93 -6.60 -16.91
C LEU A 90 25.89 -5.52 -17.31
N ALA A 91 24.64 -5.87 -17.34
CA ALA A 91 23.63 -4.83 -17.69
C ALA A 91 23.66 -3.60 -16.74
N ILE A 92 23.56 -3.86 -15.46
CA ILE A 92 23.58 -2.82 -14.45
C ILE A 92 24.90 -2.11 -14.38
N GLY A 93 26.00 -2.80 -14.74
CA GLY A 93 27.31 -2.18 -14.75
C GLY A 93 27.40 -1.04 -15.76
N TRP A 94 26.71 -1.18 -16.88
CA TRP A 94 26.64 -0.08 -17.81
C TRP A 94 26.04 1.19 -17.16
N HIS A 95 24.96 1.02 -16.42
CA HIS A 95 24.31 2.09 -15.73
C HIS A 95 25.20 2.71 -14.69
N VAL A 96 25.56 1.94 -13.70
CA VAL A 96 26.39 2.51 -12.63
C VAL A 96 27.74 3.06 -13.14
N GLY A 97 28.27 2.43 -14.17
CA GLY A 97 29.54 2.79 -14.74
C GLY A 97 29.49 4.09 -15.50
N ILE A 98 28.47 4.19 -16.34
CA ILE A 98 28.21 5.41 -17.07
C ILE A 98 27.97 6.62 -16.11
N LEU A 99 27.26 6.41 -15.02
CA LEU A 99 27.05 7.52 -14.06
C LEU A 99 28.33 7.95 -13.46
N LEU A 100 29.20 7.00 -13.16
CA LEU A 100 30.55 7.33 -12.67
C LEU A 100 31.34 8.02 -13.73
N HIS A 101 31.37 7.50 -14.95
CA HIS A 101 31.97 8.26 -16.05
C HIS A 101 31.48 9.74 -16.05
N LEU A 102 30.18 9.97 -15.99
CA LEU A 102 29.65 11.35 -16.13
C LEU A 102 30.03 12.22 -14.93
N ARG A 103 29.97 11.62 -13.75
CA ARG A 103 30.39 12.21 -12.54
C ARG A 103 31.79 12.69 -12.56
N GLU A 104 32.69 11.83 -13.02
CA GLU A 104 34.10 12.14 -13.00
C GLU A 104 34.53 12.99 -14.18
N THR A 105 33.74 13.08 -15.24
CA THR A 105 34.15 13.84 -16.42
C THR A 105 33.51 15.21 -16.66
N GLY A 106 32.27 15.38 -16.21
CA GLY A 106 31.45 16.52 -16.62
C GLY A 106 31.17 16.51 -18.13
N ALA A 107 30.99 15.33 -18.69
CA ALA A 107 30.70 15.15 -20.07
C ALA A 107 29.34 15.64 -20.37
N PHE A 108 28.40 15.48 -19.43
CA PHE A 108 27.06 16.06 -19.60
C PHE A 108 27.09 17.52 -19.24
N PRO A 109 26.29 18.36 -19.97
CA PRO A 109 26.07 19.69 -19.44
C PRO A 109 25.49 19.62 -18.03
N ASP A 110 25.85 20.60 -17.18
CA ASP A 110 25.47 20.57 -15.79
C ASP A 110 23.97 20.41 -15.58
N GLU A 111 23.17 21.13 -16.35
CA GLU A 111 21.71 21.04 -16.22
C GLU A 111 21.22 19.64 -16.52
N LEU A 112 21.69 19.08 -17.63
CA LEU A 112 21.34 17.74 -18.08
C LEU A 112 21.79 16.69 -17.08
N PHE A 113 23.00 16.82 -16.57
CA PHE A 113 23.52 15.86 -15.59
C PHE A 113 22.67 15.84 -14.34
N ARG A 114 22.26 17.02 -13.92
CA ARG A 114 21.47 17.16 -12.70
C ARG A 114 20.12 16.54 -12.91
N MET A 115 19.50 16.83 -14.04
CA MET A 115 18.21 16.20 -14.44
C MET A 115 18.32 14.64 -14.45
N VAL A 116 19.36 14.11 -15.07
CA VAL A 116 19.47 12.66 -15.16
C VAL A 116 19.63 12.10 -13.76
N CYS A 117 20.51 12.72 -12.97
CA CYS A 117 20.79 12.23 -11.63
C CYS A 117 19.55 12.23 -10.75
N GLU A 118 18.72 13.29 -10.86
CA GLU A 118 17.48 13.31 -10.13
C GLU A 118 16.66 12.09 -10.41
N SER A 119 16.41 11.84 -11.69
CA SER A 119 15.54 10.70 -12.06
C SER A 119 16.07 9.36 -11.52
N VAL A 120 17.37 9.24 -11.42
CA VAL A 120 17.92 8.03 -10.89
C VAL A 120 17.61 7.90 -9.42
N VAL A 121 17.86 8.94 -8.67
CA VAL A 121 17.71 8.89 -7.24
C VAL A 121 16.22 8.82 -6.81
N LYS A 122 15.34 9.54 -7.51
CA LYS A 122 13.98 9.64 -7.02
C LYS A 122 13.01 8.70 -7.73
N GLU A 123 13.35 8.27 -8.94
CA GLU A 123 12.49 7.35 -9.67
C GLU A 123 13.15 6.01 -9.98
N GLY A 124 14.44 5.88 -9.74
CA GLY A 124 15.14 4.68 -10.15
C GLY A 124 15.36 4.57 -11.64
N ALA A 125 15.41 5.69 -12.35
CA ALA A 125 15.64 5.67 -13.79
C ALA A 125 17.02 5.07 -14.12
N LEU A 126 17.06 4.26 -15.17
CA LEU A 126 18.23 3.65 -15.65
C LEU A 126 18.71 4.23 -16.98
N ILE A 127 20.03 4.26 -17.19
CA ILE A 127 20.63 4.78 -18.41
C ILE A 127 21.65 3.82 -19.04
N ASN A 128 21.80 3.91 -20.36
CA ASN A 128 22.85 3.20 -21.04
C ASN A 128 23.21 3.93 -22.31
N SER A 129 24.39 3.63 -22.87
CA SER A 129 24.80 4.10 -24.16
C SER A 129 24.55 3.08 -25.27
N CYS A 130 23.79 3.45 -26.30
CA CYS A 130 23.47 2.54 -27.40
C CYS A 130 24.00 3.12 -28.69
N ALA A 131 25.19 2.72 -29.08
CA ALA A 131 25.95 3.30 -30.18
C ALA A 131 26.33 2.29 -31.29
N THR A 132 26.39 0.99 -30.97
CA THR A 132 26.77 0.00 -31.96
C THR A 132 25.75 -0.11 -33.13
N GLU A 133 26.26 -0.22 -34.38
CA GLU A 133 25.45 -0.47 -35.55
C GLU A 133 26.13 -1.50 -36.42
N PRO A 134 25.38 -2.19 -37.25
CA PRO A 134 26.06 -3.16 -38.11
C PRO A 134 27.12 -2.51 -38.96
N ALA A 135 26.80 -1.36 -39.52
CA ALA A 135 27.64 -0.68 -40.51
C ALA A 135 28.98 -0.16 -40.00
N THR A 136 29.07 0.07 -38.69
CA THR A 136 30.28 0.62 -38.11
C THR A 136 31.14 -0.39 -37.37
N GLY A 137 30.57 -1.51 -36.94
CA GLY A 137 31.16 -2.34 -35.92
C GLY A 137 31.29 -1.60 -34.61
N SER A 138 32.31 -1.95 -33.85
CA SER A 138 32.54 -1.37 -32.52
C SER A 138 32.71 0.11 -32.69
N PRO A 139 31.97 0.90 -31.93
CA PRO A 139 32.18 2.36 -31.96
C PRO A 139 33.58 2.79 -31.62
N SER A 140 34.20 2.05 -30.74
CA SER A 140 35.62 2.28 -30.40
C SER A 140 36.57 2.32 -31.65
N ARG A 141 36.20 1.70 -32.75
CA ARG A 141 36.99 1.82 -34.00
C ARG A 141 36.81 3.11 -34.74
N GLY A 142 35.81 3.92 -34.40
CA GLY A 142 35.70 5.33 -34.87
C GLY A 142 34.80 5.59 -36.06
N GLY A 143 34.02 4.59 -36.45
CA GLY A 143 33.13 4.74 -37.57
C GLY A 143 32.02 5.77 -37.40
N LYS A 144 31.67 6.49 -38.46
CA LYS A 144 30.57 7.45 -38.36
C LYS A 144 29.29 6.62 -38.39
N PRO A 145 28.40 6.77 -37.41
CA PRO A 145 27.15 6.03 -37.47
C PRO A 145 26.24 6.46 -38.66
N GLU A 146 25.51 5.50 -39.23
CA GLU A 146 24.52 5.79 -40.21
C GLU A 146 23.23 6.31 -39.60
N THR A 147 23.06 6.19 -38.29
CA THR A 147 22.01 6.87 -37.60
C THR A 147 22.20 8.39 -37.79
N THR A 148 21.22 9.06 -38.38
CA THR A 148 21.38 10.46 -38.75
C THR A 148 20.50 11.35 -37.89
N ALA A 149 21.01 12.54 -37.60
CA ALA A 149 20.37 13.48 -36.72
C ALA A 149 20.23 14.76 -37.50
N VAL A 150 18.99 15.19 -37.69
CA VAL A 150 18.69 16.31 -38.55
C VAL A 150 18.13 17.47 -37.72
N LYS A 151 18.69 18.65 -37.93
CA LYS A 151 18.36 19.83 -37.13
C LYS A 151 16.97 20.40 -37.45
N VAL A 152 16.10 20.46 -36.45
CA VAL A 152 14.73 21.02 -36.61
C VAL A 152 14.53 22.20 -35.60
N PRO A 153 13.30 22.77 -35.49
CA PRO A 153 13.18 23.93 -34.65
C PRO A 153 13.55 23.73 -33.20
N GLY A 154 12.93 22.78 -32.54
CA GLY A 154 13.29 22.51 -31.14
C GLY A 154 14.65 21.81 -30.86
N GLY A 155 15.12 21.02 -31.80
CA GLY A 155 16.35 20.26 -31.53
C GLY A 155 16.81 19.43 -32.70
N TYR A 156 16.52 18.12 -32.65
CA TYR A 156 16.98 17.20 -33.69
C TYR A 156 16.01 16.06 -33.87
N ARG A 157 15.83 15.61 -35.11
CA ARG A 157 15.10 14.38 -35.36
C ARG A 157 16.10 13.30 -35.64
N ILE A 158 16.06 12.25 -34.83
CA ILE A 158 16.93 11.12 -34.99
C ILE A 158 16.21 9.95 -35.65
N THR A 159 16.87 9.36 -36.65
CA THR A 159 16.37 8.23 -37.41
C THR A 159 17.51 7.25 -37.65
N GLY A 160 17.30 6.00 -37.23
CA GLY A 160 18.31 4.98 -37.38
C GLY A 160 18.02 3.74 -36.57
N ARG A 161 19.04 2.89 -36.43
CA ARG A 161 18.91 1.62 -35.71
C ARG A 161 20.17 1.27 -35.02
N LYS A 162 20.07 0.86 -33.75
CA LYS A 162 21.21 0.44 -32.96
C LYS A 162 21.03 -1.01 -32.50
N THR A 163 22.13 -1.77 -32.47
CA THR A 163 22.20 -3.17 -31.98
C THR A 163 22.95 -3.30 -30.65
N PHE A 164 22.79 -4.42 -30.00
CA PHE A 164 23.36 -4.72 -28.70
C PHE A 164 22.97 -3.65 -27.69
N SER A 165 21.69 -3.34 -27.58
CA SER A 165 21.18 -2.33 -26.69
C SER A 165 20.87 -2.87 -25.30
N THR A 166 21.95 -3.11 -24.55
CA THR A 166 21.88 -3.75 -23.24
C THR A 166 21.01 -2.92 -22.28
N LEU A 167 20.25 -3.63 -21.45
CA LEU A 167 19.36 -3.09 -20.44
C LEU A 167 18.09 -2.45 -21.00
N SER A 168 17.87 -2.56 -22.33
CA SER A 168 16.86 -1.77 -23.00
C SER A 168 15.45 -1.94 -22.50
N PRO A 169 15.03 -3.12 -22.03
CA PRO A 169 13.66 -3.28 -21.59
C PRO A 169 13.32 -2.50 -20.36
N ALA A 170 14.32 -2.19 -19.55
CA ALA A 170 14.23 -1.50 -18.31
C ALA A 170 14.83 -0.07 -18.31
N LEU A 171 15.20 0.43 -19.47
CA LEU A 171 15.81 1.72 -19.57
C LEU A 171 14.80 2.84 -19.54
N THR A 172 15.19 3.95 -18.92
CA THR A 172 14.51 5.19 -19.07
C THR A 172 15.20 6.06 -20.11
N TRP A 173 16.50 6.22 -19.97
CA TRP A 173 17.27 7.11 -20.79
C TRP A 173 18.26 6.27 -21.66
N ILE A 174 18.43 6.66 -22.92
CA ILE A 174 19.34 6.06 -23.80
C ILE A 174 20.20 7.11 -24.46
N MET A 175 21.53 7.01 -24.31
CA MET A 175 22.43 7.85 -25.07
C MET A 175 22.65 7.22 -26.42
N VAL A 176 22.44 7.95 -27.48
CA VAL A 176 22.46 7.45 -28.84
C VAL A 176 23.36 8.32 -29.65
N THR A 177 24.33 7.73 -30.36
CA THR A 177 25.19 8.49 -31.21
C THR A 177 24.58 8.53 -32.57
N ALA A 178 24.76 9.65 -33.27
CA ALA A 178 24.23 9.82 -34.61
C ALA A 178 25.02 10.86 -35.38
N THR A 179 25.12 10.71 -36.70
CA THR A 179 25.79 11.69 -37.55
C THR A 179 24.84 12.79 -37.94
N VAL A 180 25.25 14.05 -37.81
CA VAL A 180 24.37 15.15 -38.19
C VAL A 180 24.43 15.36 -39.71
N ALA A 181 23.28 15.21 -40.37
CA ALA A 181 23.23 14.90 -41.81
C ALA A 181 24.01 15.91 -42.65
N ASP A 182 23.57 17.15 -42.57
CA ASP A 182 24.05 18.21 -43.43
C ASP A 182 25.51 18.59 -43.15
N GLU A 183 25.94 18.49 -41.89
CA GLU A 183 27.24 19.03 -41.46
C GLU A 183 28.39 18.04 -41.45
N ASP A 184 28.09 16.74 -41.46
CA ASP A 184 29.09 15.67 -41.40
C ASP A 184 29.95 15.70 -40.13
N VAL A 185 29.27 15.60 -38.99
CA VAL A 185 29.92 15.43 -37.70
C VAL A 185 29.06 14.52 -36.86
N VAL A 186 29.68 13.87 -35.91
CA VAL A 186 29.00 12.94 -35.05
C VAL A 186 28.54 13.71 -33.84
N GLY A 187 27.35 13.37 -33.35
CA GLY A 187 26.79 13.86 -32.08
C GLY A 187 26.25 12.73 -31.18
N GLN A 188 26.20 13.00 -29.87
CA GLN A 188 25.53 12.10 -28.95
C GLN A 188 24.32 12.79 -28.38
N PHE A 189 23.26 12.03 -28.15
CA PHE A 189 21.91 12.54 -27.89
C PHE A 189 21.18 11.69 -26.84
N LEU A 190 20.56 12.35 -25.85
CA LEU A 190 19.87 11.62 -24.77
C LEU A 190 18.43 11.41 -25.13
N VAL A 191 18.04 10.16 -25.42
CA VAL A 191 16.70 9.82 -25.87
C VAL A 191 15.94 9.12 -24.77
N ARG A 192 14.64 9.40 -24.69
CA ARG A 192 13.79 8.67 -23.78
C ARG A 192 13.43 7.33 -24.37
N LYS A 193 13.40 6.33 -23.50
CA LYS A 193 13.07 4.97 -23.91
C LYS A 193 11.71 4.88 -24.56
N GLU A 194 10.77 5.67 -24.07
CA GLU A 194 9.42 5.68 -24.58
C GLU A 194 9.33 6.08 -26.06
N ASP A 195 10.27 6.84 -26.58
CA ASP A 195 10.24 7.23 -28.00
C ASP A 195 10.91 6.25 -29.02
N VAL A 196 11.44 5.11 -28.56
CA VAL A 196 12.07 4.14 -29.46
C VAL A 196 11.30 2.87 -29.49
N GLU A 197 11.51 2.10 -30.55
CA GLU A 197 10.92 0.78 -30.72
C GLU A 197 12.03 -0.25 -30.45
N ILE A 198 11.91 -0.99 -29.35
CA ILE A 198 12.63 -2.23 -29.18
C ILE A 198 12.12 -3.37 -30.08
N VAL A 199 12.99 -3.87 -30.98
CA VAL A 199 12.78 -5.08 -31.77
C VAL A 199 13.55 -6.21 -31.11
N GLU A 200 12.88 -7.27 -30.67
CA GLU A 200 13.43 -8.23 -29.74
C GLU A 200 14.30 -9.22 -30.46
N THR A 201 15.55 -8.82 -30.74
CA THR A 201 16.43 -9.60 -31.57
C THR A 201 17.44 -10.41 -30.82
N TRP A 202 17.65 -10.15 -29.54
CA TRP A 202 18.75 -10.75 -28.74
C TRP A 202 18.45 -12.21 -28.47
N ASP A 203 19.31 -13.08 -29.08
CA ASP A 203 19.18 -14.54 -28.98
C ASP A 203 20.56 -15.12 -29.20
N THR A 204 21.25 -15.31 -28.09
CA THR A 204 22.61 -15.46 -28.03
C THR A 204 23.04 -16.65 -27.27
N LEU A 205 24.34 -16.96 -27.46
CA LEU A 205 25.01 -18.04 -26.80
C LEU A 205 25.02 -17.90 -25.32
N GLY A 206 25.55 -16.78 -24.89
CA GLY A 206 25.53 -16.36 -23.48
C GLY A 206 25.09 -14.90 -23.25
N MET A 207 25.12 -14.50 -21.99
CA MET A 207 24.62 -13.24 -21.51
C MET A 207 23.21 -13.04 -22.07
N ARG A 208 22.43 -14.13 -22.00
CA ARG A 208 21.14 -14.22 -22.66
C ARG A 208 20.11 -13.33 -22.03
N ALA A 209 20.32 -12.99 -20.77
CA ALA A 209 19.41 -12.11 -20.00
C ALA A 209 19.80 -10.62 -19.94
N THR A 210 20.71 -10.15 -20.76
CA THR A 210 21.01 -8.75 -20.78
C THR A 210 20.00 -7.84 -21.45
N GLY A 211 19.04 -8.39 -22.19
CA GLY A 211 18.12 -7.64 -22.99
C GLY A 211 18.74 -6.72 -24.03
N SER A 212 19.83 -7.16 -24.65
CA SER A 212 20.59 -6.34 -25.61
C SER A 212 20.03 -6.39 -27.05
N HIS A 213 18.78 -5.88 -27.20
CA HIS A 213 17.99 -5.96 -28.43
C HIS A 213 18.38 -4.88 -29.40
N ASP A 214 17.67 -4.78 -30.52
CA ASP A 214 17.82 -3.66 -31.42
C ASP A 214 16.91 -2.54 -30.90
N ILE A 215 17.28 -1.29 -31.12
CA ILE A 215 16.38 -0.20 -30.95
C ILE A 215 16.25 0.51 -32.27
N VAL A 216 15.00 0.85 -32.67
CA VAL A 216 14.71 1.57 -33.91
C VAL A 216 14.19 2.94 -33.53
N LEU A 217 14.73 3.96 -34.18
CA LEU A 217 14.35 5.36 -33.99
C LEU A 217 13.88 5.82 -35.32
N LYS A 218 12.64 6.31 -35.36
CA LYS A 218 12.02 6.82 -36.57
C LYS A 218 11.58 8.25 -36.26
N ASP A 219 12.32 9.23 -36.78
CA ASP A 219 12.01 10.67 -36.60
C ASP A 219 11.83 11.05 -35.14
N VAL A 220 12.70 10.55 -34.28
CA VAL A 220 12.58 10.76 -32.83
C VAL A 220 13.13 12.13 -32.45
N PHE A 221 12.34 12.86 -31.68
CA PHE A 221 12.70 14.22 -31.36
C PHE A 221 13.60 14.19 -30.16
N VAL A 222 14.67 14.97 -30.20
CA VAL A 222 15.49 15.24 -29.02
C VAL A 222 15.56 16.78 -28.86
N PRO A 223 15.08 17.31 -27.74
CA PRO A 223 15.11 18.74 -27.57
C PRO A 223 16.52 19.20 -27.27
N GLU A 224 16.83 20.41 -27.67
CA GLU A 224 18.17 20.98 -27.54
C GLU A 224 18.81 20.72 -26.17
N GLU A 225 18.00 20.71 -25.12
CA GLU A 225 18.48 20.55 -23.75
C GLU A 225 19.05 19.20 -23.51
N ARG A 226 18.53 18.21 -24.21
CA ARG A 226 19.02 16.83 -24.14
C ARG A 226 20.11 16.44 -25.17
N VAL A 227 20.70 17.39 -25.87
CA VAL A 227 21.79 17.16 -26.79
C VAL A 227 23.05 17.18 -25.94
N ILE A 228 23.82 16.10 -25.97
CA ILE A 228 24.93 15.89 -25.04
C ILE A 228 26.18 16.60 -25.54
N VAL A 229 26.53 16.33 -26.80
CA VAL A 229 27.64 16.98 -27.47
C VAL A 229 27.50 16.85 -28.99
N ILE A 230 28.12 17.75 -29.73
CA ILE A 230 28.29 17.59 -31.15
C ILE A 230 29.74 17.88 -31.44
N GLN A 231 30.49 16.85 -31.84
CA GLN A 231 31.94 16.93 -31.92
C GLN A 231 32.38 17.62 -33.21
N ARG A 232 32.38 18.94 -33.15
CA ARG A 232 32.86 19.79 -34.25
C ARG A 232 34.39 19.94 -34.20
N PRO A 233 34.97 20.70 -35.14
CA PRO A 233 36.40 20.99 -35.01
C PRO A 233 36.70 21.91 -33.83
N GLY A 234 37.53 21.42 -32.91
CA GLY A 234 37.94 22.17 -31.72
C GLY A 234 36.90 22.13 -30.63
N VAL A 235 36.70 20.95 -30.05
CA VAL A 235 35.80 20.80 -28.89
C VAL A 235 36.19 19.55 -28.06
N GLN A 236 36.20 19.74 -26.75
CA GLN A 236 36.37 18.63 -25.83
C GLN A 236 35.02 18.17 -25.34
N ALA A 237 34.82 16.84 -25.36
CA ALA A 237 33.63 16.23 -24.77
C ALA A 237 33.72 16.34 -23.25
N GLU A 238 34.82 15.84 -22.72
CA GLU A 238 35.01 15.70 -21.28
C GLU A 238 35.76 16.91 -20.74
N ARG A 239 35.14 17.66 -19.85
CA ARG A 239 35.78 18.81 -19.21
C ARG A 239 36.92 18.37 -18.28
N ARG A 240 36.82 17.18 -17.69
CA ARG A 240 37.90 16.56 -16.93
C ARG A 240 38.05 15.11 -17.39
N PRO A 241 38.97 14.82 -18.34
CA PRO A 241 39.17 13.42 -18.87
C PRO A 241 39.32 12.40 -17.77
N ASP A 242 38.74 11.21 -17.96
CA ASP A 242 38.90 10.12 -17.03
C ASP A 242 39.73 8.95 -17.58
N GLY A 243 40.30 9.12 -18.76
CA GLY A 243 40.93 7.98 -19.45
C GLY A 243 40.13 6.71 -19.62
N SER A 244 38.81 6.81 -19.64
CA SER A 244 37.91 5.65 -19.76
C SER A 244 38.02 4.61 -18.66
N GLY A 245 38.38 5.05 -17.46
CA GLY A 245 38.54 4.11 -16.35
C GLY A 245 37.31 3.37 -15.89
N TRP A 246 36.16 3.95 -16.08
CA TRP A 246 34.88 3.32 -15.79
C TRP A 246 34.66 2.04 -16.54
N LEU A 247 35.25 1.92 -17.74
CA LEU A 247 35.19 0.69 -18.48
C LEU A 247 35.80 -0.49 -17.79
N LEU A 248 36.57 -0.29 -16.73
CA LEU A 248 36.88 -1.40 -15.84
C LEU A 248 35.74 -2.26 -15.28
N HIS A 249 34.49 -1.83 -15.39
CA HIS A 249 33.35 -2.69 -14.98
C HIS A 249 33.28 -3.96 -15.78
N ILE A 250 33.75 -3.92 -17.04
CA ILE A 250 33.84 -5.06 -17.90
C ILE A 250 34.74 -6.19 -17.35
N PRO A 251 36.03 -5.94 -17.17
CA PRO A 251 36.79 -6.98 -16.50
C PRO A 251 36.24 -7.49 -15.15
N ALA A 252 35.70 -6.61 -14.33
CA ALA A 252 35.21 -7.04 -13.06
C ALA A 252 34.07 -8.06 -13.24
N CYS A 253 33.22 -7.88 -14.24
CA CYS A 253 32.08 -8.75 -14.44
C CYS A 253 32.52 -10.12 -14.88
N TYR A 254 33.39 -10.17 -15.90
CA TYR A 254 33.92 -11.41 -16.38
C TYR A 254 34.83 -12.17 -15.39
N LEU A 255 35.57 -11.50 -14.55
CA LEU A 255 36.20 -12.18 -13.44
C LEU A 255 35.23 -12.76 -12.44
N GLY A 256 34.17 -12.02 -12.10
CA GLY A 256 33.14 -12.59 -11.28
C GLY A 256 32.57 -13.91 -11.78
N ILE A 257 32.37 -14.03 -13.08
CA ILE A 257 31.87 -15.29 -13.68
C ILE A 257 32.93 -16.37 -13.54
N ALA A 258 34.16 -16.02 -13.76
CA ALA A 258 35.29 -16.96 -13.54
C ALA A 258 35.40 -17.53 -12.13
N LEU A 259 35.19 -16.68 -11.15
CA LEU A 259 35.22 -17.11 -9.73
C LEU A 259 34.10 -18.09 -9.39
N ALA A 260 32.95 -17.84 -9.94
CA ALA A 260 31.83 -18.81 -9.87
C ALA A 260 32.24 -20.21 -10.46
N ALA A 261 32.85 -20.20 -11.63
CA ALA A 261 33.35 -21.41 -12.26
C ALA A 261 34.39 -22.10 -11.42
N ARG A 262 35.38 -21.35 -10.95
CA ARG A 262 36.39 -21.90 -10.10
C ARG A 262 35.76 -22.51 -8.86
N ASP A 263 34.93 -21.76 -8.18
CA ASP A 263 34.18 -22.29 -7.00
C ASP A 263 33.44 -23.61 -7.29
N PHE A 264 32.76 -23.72 -8.41
CA PHE A 264 32.04 -24.98 -8.72
C PHE A 264 32.97 -26.17 -8.89
N ALA A 265 34.01 -25.97 -9.66
CA ALA A 265 34.96 -27.05 -9.95
C ALA A 265 35.74 -27.48 -8.69
N LEU A 266 36.05 -26.54 -7.83
CA LEU A 266 36.71 -26.82 -6.58
C LEU A 266 35.84 -27.65 -5.63
N GLU A 267 34.58 -27.26 -5.54
CA GLU A 267 33.61 -27.97 -4.79
C GLU A 267 33.43 -29.41 -5.38
N TYR A 268 33.34 -29.49 -6.69
CA TYR A 268 33.15 -30.75 -7.39
C TYR A 268 34.36 -31.65 -7.21
N ALA A 269 35.53 -31.12 -7.49
CA ALA A 269 36.79 -31.86 -7.29
C ALA A 269 37.01 -32.33 -5.88
N ALA A 270 36.65 -31.51 -4.93
CA ALA A 270 36.76 -31.86 -3.51
C ALA A 270 35.88 -33.05 -3.10
N THR A 271 34.76 -33.24 -3.78
CA THR A 271 33.79 -34.26 -3.42
C THR A 271 33.64 -35.41 -4.37
N TYR A 272 34.08 -35.32 -5.62
CA TYR A 272 33.88 -36.40 -6.56
C TYR A 272 34.96 -37.44 -6.43
N ARG A 273 34.55 -38.68 -6.17
CA ARG A 273 35.47 -39.80 -6.05
C ARG A 273 34.99 -40.99 -6.83
N PRO A 274 35.57 -41.24 -7.99
CA PRO A 274 35.26 -42.46 -8.72
C PRO A 274 35.85 -43.70 -8.07
N ASN A 275 35.41 -44.89 -8.50
CA ASN A 275 35.83 -46.14 -7.87
C ASN A 275 37.23 -46.56 -8.29
N THR A 276 37.84 -45.74 -9.11
CA THR A 276 39.25 -45.90 -9.47
C THR A 276 40.25 -45.20 -8.53
N LEU A 277 39.78 -44.51 -7.50
CA LEU A 277 40.71 -43.76 -6.67
C LEU A 277 40.41 -43.93 -5.20
N PRO A 278 41.44 -43.81 -4.32
CA PRO A 278 41.23 -43.88 -2.88
C PRO A 278 40.90 -42.53 -2.27
N HIS A 279 40.86 -41.48 -3.08
CA HIS A 279 40.70 -40.09 -2.64
C HIS A 279 39.94 -39.32 -3.70
N PRO A 280 39.42 -38.12 -3.39
CA PRO A 280 38.75 -37.36 -4.46
C PRO A 280 39.71 -36.85 -5.57
N ILE A 281 39.15 -36.45 -6.69
CA ILE A 281 39.92 -36.03 -7.81
C ILE A 281 40.73 -34.77 -7.56
N ALA A 282 40.37 -33.99 -6.55
CA ALA A 282 41.20 -32.86 -6.11
C ALA A 282 42.63 -33.23 -5.78
N GLU A 283 42.90 -34.46 -5.36
CA GLU A 283 44.24 -34.95 -5.09
C GLU A 283 44.94 -35.65 -6.31
N VAL A 284 44.28 -35.72 -7.47
CA VAL A 284 44.91 -36.25 -8.64
C VAL A 284 45.84 -35.16 -9.19
N PRO A 285 47.10 -35.51 -9.58
CA PRO A 285 48.07 -34.47 -10.00
C PRO A 285 47.65 -33.52 -11.11
N HIS A 286 47.15 -34.03 -12.20
CA HIS A 286 46.70 -33.22 -13.26
C HIS A 286 45.48 -32.27 -12.90
N VAL A 287 44.61 -32.74 -12.06
CA VAL A 287 43.48 -31.95 -11.58
C VAL A 287 44.00 -30.85 -10.63
N GLU A 288 44.89 -31.22 -9.76
CA GLU A 288 45.52 -30.29 -8.84
C GLU A 288 46.19 -29.21 -9.60
N GLN A 289 46.92 -29.55 -10.71
CA GLN A 289 47.63 -28.54 -11.49
C GLN A 289 46.63 -27.55 -12.12
N LYS A 290 45.55 -28.03 -12.64
CA LYS A 290 44.51 -27.18 -13.26
C LYS A 290 43.86 -26.28 -12.28
N LEU A 291 43.58 -26.84 -11.09
CA LEU A 291 43.07 -26.06 -9.94
C LEU A 291 44.02 -24.92 -9.58
N GLY A 292 45.29 -25.22 -9.56
CA GLY A 292 46.32 -24.23 -9.23
C GLY A 292 46.53 -23.19 -10.27
N GLU A 293 46.41 -23.59 -11.51
CA GLU A 293 46.47 -22.64 -12.62
C GLU A 293 45.33 -21.62 -12.59
N MET A 294 44.11 -22.08 -12.35
CA MET A 294 42.96 -21.19 -12.19
C MET A 294 43.28 -20.17 -11.15
N GLU A 295 43.80 -20.63 -10.04
CA GLU A 295 44.17 -19.72 -8.94
C GLU A 295 45.17 -18.65 -9.30
N LEU A 296 46.18 -19.04 -10.05
CA LEU A 296 47.16 -18.08 -10.51
C LEU A 296 46.56 -17.04 -11.44
N LYS A 297 45.78 -17.47 -12.40
CA LYS A 297 45.14 -16.55 -13.29
C LYS A 297 44.29 -15.51 -12.61
N LEU A 298 43.50 -15.92 -11.62
CA LEU A 298 42.58 -15.06 -10.96
C LEU A 298 43.37 -14.04 -10.11
N LEU A 299 44.39 -14.54 -9.41
CA LEU A 299 45.22 -13.76 -8.57
C LEU A 299 45.81 -12.59 -9.34
N ALA A 300 46.48 -12.90 -10.42
CA ALA A 300 47.10 -11.93 -11.23
C ALA A 300 46.20 -10.87 -11.81
N ALA A 301 45.06 -11.33 -12.41
CA ALA A 301 44.15 -10.45 -13.11
C ALA A 301 43.37 -9.59 -12.12
N ARG A 302 42.95 -10.18 -11.01
CA ARG A 302 42.20 -9.43 -10.04
C ARG A 302 43.08 -8.42 -9.31
N THR A 303 44.29 -8.85 -8.94
CA THR A 303 45.19 -7.94 -8.29
C THR A 303 45.41 -6.73 -9.18
N LEU A 304 45.57 -6.95 -10.49
CA LEU A 304 45.81 -5.87 -11.40
C LEU A 304 44.61 -4.94 -11.50
N LEU A 305 43.45 -5.59 -11.62
CA LEU A 305 42.17 -4.87 -11.67
C LEU A 305 42.02 -3.86 -10.51
N TYR A 306 42.14 -4.35 -9.29
CA TYR A 306 41.87 -3.52 -8.12
C TYR A 306 42.97 -2.51 -7.87
N ASP A 307 44.21 -2.86 -8.20
CA ASP A 307 45.34 -1.92 -8.14
C ASP A 307 45.06 -0.70 -9.03
N LEU A 308 44.58 -0.94 -10.21
CA LEU A 308 44.35 0.08 -11.18
C LEU A 308 43.11 0.96 -10.85
N ALA A 309 42.03 0.33 -10.41
CA ALA A 309 40.91 1.04 -9.81
C ALA A 309 41.35 1.96 -8.69
N ARG A 310 42.13 1.44 -7.78
CA ARG A 310 42.63 2.21 -6.60
C ARG A 310 43.44 3.39 -7.06
N ARG A 311 44.28 3.24 -8.07
CA ARG A 311 45.02 4.37 -8.70
C ARG A 311 44.10 5.33 -9.42
N PHE A 312 43.11 4.82 -10.14
CA PHE A 312 42.16 5.66 -10.79
C PHE A 312 41.53 6.64 -9.76
N ASP A 313 41.04 6.12 -8.62
CA ASP A 313 40.37 6.94 -7.57
C ASP A 313 41.28 7.99 -7.01
N ALA A 314 42.60 7.74 -6.95
CA ALA A 314 43.50 8.76 -6.38
C ALA A 314 44.02 9.78 -7.46
N ALA A 315 43.91 9.45 -8.74
CA ALA A 315 44.57 10.18 -9.80
C ALA A 315 43.82 11.44 -10.22
N SER A 316 44.57 12.47 -10.64
CA SER A 316 44.06 13.65 -11.34
C SER A 316 43.68 13.30 -12.77
N PRO A 317 42.88 14.17 -13.44
CA PRO A 317 42.45 13.90 -14.82
C PRO A 317 43.59 13.69 -15.84
N GLU A 318 44.73 14.29 -15.59
CA GLU A 318 45.91 14.15 -16.44
C GLU A 318 46.53 12.78 -16.24
N GLU A 319 46.68 12.39 -14.96
CA GLU A 319 47.18 11.05 -14.64
C GLU A 319 46.20 9.97 -15.12
N ARG A 320 44.88 10.21 -15.09
CA ARG A 320 43.90 9.22 -15.59
C ARG A 320 44.02 8.96 -17.12
N VAL A 321 44.38 9.99 -17.90
CA VAL A 321 44.61 9.84 -19.32
C VAL A 321 45.79 8.95 -19.61
N LYS A 322 46.86 9.14 -18.86
CA LYS A 322 48.05 8.30 -18.88
C LYS A 322 47.89 6.84 -18.49
N LEU A 323 46.91 6.54 -17.66
CA LEU A 323 46.63 5.18 -17.23
C LEU A 323 45.72 4.44 -18.22
N GLN A 324 45.20 5.10 -19.23
CA GLN A 324 44.31 4.46 -20.15
C GLN A 324 44.82 3.15 -20.77
N PRO A 325 46.08 3.10 -21.22
CA PRO A 325 46.62 1.87 -21.74
C PRO A 325 46.64 0.70 -20.77
N GLN A 326 46.81 0.98 -19.49
CA GLN A 326 46.76 -0.04 -18.47
C GLN A 326 45.35 -0.51 -18.22
N PHE A 327 44.38 0.39 -18.27
CA PHE A 327 42.96 0.00 -18.16
C PHE A 327 42.58 -1.00 -19.26
N GLY A 328 43.05 -0.78 -20.49
CA GLY A 328 42.89 -1.75 -21.58
C GLY A 328 43.60 -3.06 -21.30
N ALA A 329 44.81 -2.96 -20.75
CA ALA A 329 45.61 -4.12 -20.49
C ALA A 329 44.95 -5.09 -19.56
N VAL A 330 44.32 -4.54 -18.52
CA VAL A 330 43.59 -5.38 -17.57
C VAL A 330 42.32 -5.96 -18.13
N LYS A 331 41.65 -5.22 -18.97
CA LYS A 331 40.53 -5.81 -19.71
C LYS A 331 40.94 -7.06 -20.55
N THR A 332 41.99 -6.89 -21.33
CA THR A 332 42.51 -8.00 -22.25
C THR A 332 42.97 -9.15 -21.38
N LEU A 333 43.69 -8.83 -20.28
CA LEU A 333 44.14 -9.86 -19.34
C LEU A 333 42.96 -10.59 -18.73
N ALA A 334 42.09 -9.85 -18.08
CA ALA A 334 41.05 -10.43 -17.27
C ALA A 334 39.99 -11.22 -18.11
N THR A 335 39.59 -10.73 -19.28
CA THR A 335 38.63 -11.41 -20.12
C THR A 335 39.17 -12.64 -20.80
N ASN A 336 40.34 -12.56 -21.37
CA ASN A 336 41.04 -13.78 -21.82
C ASN A 336 41.28 -14.75 -20.68
N ALA A 337 41.81 -14.26 -19.55
CA ALA A 337 42.01 -15.10 -18.40
C ALA A 337 40.69 -15.77 -17.86
N ALA A 338 39.60 -15.06 -17.91
CA ALA A 338 38.32 -15.57 -17.52
C ALA A 338 37.84 -16.73 -18.38
N ASN A 339 38.03 -16.62 -19.69
CA ASN A 339 37.79 -17.71 -20.61
C ASN A 339 38.60 -18.92 -20.29
N GLN A 340 39.89 -18.69 -19.98
CA GLN A 340 40.80 -19.81 -19.68
C GLN A 340 40.46 -20.49 -18.38
N VAL A 341 40.08 -19.71 -17.37
CA VAL A 341 39.67 -20.27 -16.07
C VAL A 341 38.42 -21.18 -16.17
N VAL A 342 37.44 -20.79 -16.96
CA VAL A 342 36.23 -21.55 -17.13
C VAL A 342 36.49 -22.82 -17.93
N ASP A 343 37.25 -22.70 -19.00
CA ASP A 343 37.84 -23.81 -19.69
C ASP A 343 38.49 -24.86 -18.79
N LEU A 344 39.36 -24.45 -17.90
CA LEU A 344 40.01 -25.36 -16.99
C LEU A 344 39.02 -25.99 -15.99
N ALA A 345 38.11 -25.13 -15.44
CA ALA A 345 37.04 -25.56 -14.57
C ALA A 345 36.28 -26.72 -15.22
N MET A 346 35.92 -26.53 -16.50
CA MET A 346 35.24 -27.55 -17.29
CA MET A 346 35.15 -27.54 -17.36
C MET A 346 36.07 -28.82 -17.44
N ARG A 347 37.37 -28.70 -17.70
CA ARG A 347 38.24 -29.88 -17.76
C ARG A 347 38.35 -30.62 -16.45
N VAL A 348 38.30 -29.89 -15.36
CA VAL A 348 38.32 -30.51 -14.06
C VAL A 348 37.07 -31.35 -13.84
N VAL A 349 35.94 -30.88 -14.24
CA VAL A 349 34.71 -31.57 -13.99
C VAL A 349 34.47 -32.66 -14.99
N GLY A 350 34.90 -32.46 -16.20
CA GLY A 350 34.83 -33.47 -17.20
C GLY A 350 33.57 -33.42 -18.01
N GLY A 351 33.17 -34.58 -18.52
CA GLY A 351 32.02 -34.72 -19.39
C GLY A 351 30.75 -34.20 -18.74
N ARG A 352 30.66 -34.40 -17.44
CA ARG A 352 29.57 -33.82 -16.61
C ARG A 352 29.42 -32.32 -16.76
N SER A 353 30.49 -31.62 -17.07
CA SER A 353 30.44 -30.17 -17.28
C SER A 353 29.54 -29.72 -18.42
N LEU A 354 29.24 -30.61 -19.36
CA LEU A 354 28.40 -30.24 -20.45
C LEU A 354 26.91 -30.14 -20.01
N SER A 355 26.59 -30.73 -18.87
CA SER A 355 25.21 -30.84 -18.40
C SER A 355 24.56 -29.52 -18.08
N ARG A 356 23.38 -29.27 -18.67
CA ARG A 356 22.65 -28.02 -18.39
C ARG A 356 22.07 -27.95 -16.96
N ALA A 357 22.08 -29.06 -16.23
CA ALA A 357 21.62 -29.12 -14.85
C ALA A 357 22.65 -28.58 -13.89
N LEU A 358 23.84 -28.31 -14.36
CA LEU A 358 24.86 -27.58 -13.60
C LEU A 358 25.12 -26.21 -14.23
N PRO A 359 25.54 -25.24 -13.42
CA PRO A 359 25.68 -23.88 -13.91
C PRO A 359 26.97 -23.64 -14.69
N LEU A 360 27.87 -24.61 -14.71
CA LEU A 360 29.17 -24.42 -15.28
C LEU A 360 29.14 -24.18 -16.79
N GLU A 361 28.35 -24.94 -17.52
CA GLU A 361 28.16 -24.62 -18.94
C GLU A 361 27.60 -23.25 -19.27
N ARG A 362 26.73 -22.70 -18.43
CA ARG A 362 26.31 -21.31 -18.59
C ARG A 362 27.46 -20.32 -18.37
N TYR A 363 28.34 -20.59 -17.44
CA TYR A 363 29.55 -19.76 -17.25
C TYR A 363 30.43 -19.74 -18.52
N TYR A 364 30.64 -20.89 -19.16
CA TYR A 364 31.40 -21.00 -20.41
C TYR A 364 30.76 -20.17 -21.50
N ARG A 365 29.43 -20.15 -21.55
CA ARG A 365 28.72 -19.34 -22.54
C ARG A 365 28.81 -17.86 -22.23
N ASP A 366 28.54 -17.54 -21.00
CA ASP A 366 28.51 -16.09 -20.53
C ASP A 366 29.90 -15.39 -20.72
N VAL A 367 30.96 -16.12 -20.43
CA VAL A 367 32.29 -15.51 -20.36
C VAL A 367 32.86 -15.15 -21.70
N ARG A 368 32.36 -15.79 -22.71
CA ARG A 368 32.71 -15.48 -24.06
C ARG A 368 32.49 -14.06 -24.45
N ALA A 369 31.46 -13.40 -23.90
CA ALA A 369 31.07 -12.10 -24.29
C ALA A 369 32.08 -11.04 -24.07
N GLY A 370 32.90 -11.19 -23.03
CA GLY A 370 33.88 -10.17 -22.68
C GLY A 370 34.90 -9.85 -23.75
N LEU A 371 35.10 -10.78 -24.70
CA LEU A 371 36.04 -10.59 -25.76
C LEU A 371 35.55 -9.55 -26.68
N HIS A 372 34.27 -9.26 -26.67
CA HIS A 372 33.72 -8.32 -27.63
C HIS A 372 33.15 -7.11 -27.04
N ASN A 373 33.37 -6.88 -25.74
CA ASN A 373 33.15 -5.48 -25.17
C ASN A 373 34.49 -4.75 -25.34
N PRO A 374 34.44 -3.42 -25.36
CA PRO A 374 35.69 -2.68 -25.62
C PRO A 374 36.57 -2.54 -24.37
N PRO A 375 37.87 -2.26 -24.53
CA PRO A 375 38.56 -2.10 -25.80
C PRO A 375 38.99 -3.41 -26.42
N MET A 376 39.21 -3.44 -27.72
CA MET A 376 39.58 -4.69 -28.38
C MET A 376 41.07 -4.99 -28.15
N ASP A 377 41.37 -6.29 -28.11
CA ASP A 377 42.71 -6.83 -27.82
C ASP A 377 43.81 -6.22 -28.70
N ASP A 378 43.61 -6.17 -30.01
CA ASP A 378 44.58 -5.58 -30.92
C ASP A 378 44.85 -4.08 -30.64
N VAL A 379 43.80 -3.36 -30.23
CA VAL A 379 43.88 -1.97 -29.85
C VAL A 379 44.66 -1.78 -28.51
N VAL A 380 44.42 -2.65 -27.58
CA VAL A 380 45.09 -2.68 -26.29
C VAL A 380 46.61 -2.88 -26.42
N TYR A 381 46.99 -3.85 -27.23
CA TYR A 381 48.44 -4.10 -27.49
C TYR A 381 49.11 -2.94 -28.22
N ARG A 382 48.44 -2.43 -29.23
CA ARG A 382 48.90 -1.29 -29.95
C ARG A 382 49.12 -0.08 -29.04
N ASN A 383 48.15 0.21 -28.20
CA ASN A 383 48.26 1.37 -27.31
C ASN A 383 49.34 1.16 -26.21
N LEU A 384 49.45 -0.05 -25.68
CA LEU A 384 50.53 -0.43 -24.81
C LEU A 384 51.87 -0.21 -25.48
N ALA A 385 51.98 -0.60 -26.73
CA ALA A 385 53.24 -0.42 -27.46
C ALA A 385 53.55 1.07 -27.66
N LYS A 386 52.54 1.85 -28.03
CA LYS A 386 52.74 3.24 -28.31
C LYS A 386 53.06 4.04 -27.07
N ALA A 387 52.48 3.66 -25.96
CA ALA A 387 52.82 4.29 -24.70
C ALA A 387 54.24 3.95 -24.28
N ALA A 388 54.67 2.73 -24.50
CA ALA A 388 56.05 2.37 -24.19
C ALA A 388 57.03 3.14 -25.07
N LEU A 389 56.70 3.26 -26.35
CA LEU A 389 57.51 4.04 -27.26
C LEU A 389 57.58 5.52 -26.84
N ALA A 390 56.48 6.07 -26.33
CA ALA A 390 56.50 7.46 -25.90
C ALA A 390 57.33 7.64 -24.63
N ARG A 391 57.26 6.69 -23.68
CA ARG A 391 58.08 6.79 -22.46
C ARG A 391 59.60 6.81 -22.73
N ARG A 392 60.06 5.94 -23.63
CA ARG A 392 61.42 5.97 -24.16
C ARG A 392 61.77 7.33 -24.76
N ALA A 393 60.88 7.84 -25.62
CA ALA A 393 61.04 9.15 -26.24
C ALA A 393 61.18 10.29 -25.21
N ALA A 394 60.34 10.27 -24.17
CA ALA A 394 60.43 11.24 -23.06
C ALA A 394 61.74 11.21 -22.27
N GLY A 395 62.44 10.08 -22.27
CA GLY A 395 63.77 9.99 -21.66
C GLY A 395 64.78 10.82 -22.41
N ALA B 1 13.22 13.93 13.25
CA ALA B 1 12.33 12.71 13.39
C ALA B 1 10.95 12.90 12.75
N MET B 2 10.34 14.05 13.03
CA MET B 2 9.15 14.51 12.31
C MET B 2 9.66 15.44 11.18
N TYR B 3 10.38 14.82 10.25
CA TYR B 3 11.07 15.51 9.15
C TYR B 3 10.14 16.14 8.10
N ASP B 4 8.97 15.55 7.91
CA ASP B 4 7.96 16.12 7.02
C ASP B 4 7.42 17.52 7.48
N ILE B 5 7.40 17.76 8.79
CA ILE B 5 7.12 19.09 9.36
C ILE B 5 8.41 19.93 9.49
N TYR B 6 9.42 19.37 10.18
CA TYR B 6 10.60 20.12 10.66
C TYR B 6 11.85 20.07 9.76
N GLY B 7 11.73 19.49 8.56
CA GLY B 7 12.86 19.32 7.62
C GLY B 7 13.78 18.12 7.87
N GLU B 8 14.42 17.64 6.81
CA GLU B 8 15.43 16.56 6.88
C GLU B 8 16.85 17.03 7.23
N ALA B 9 17.13 18.34 7.16
CA ALA B 9 18.50 18.88 7.33
C ALA B 9 19.17 18.42 8.65
N ALA B 10 18.41 18.42 9.74
CA ALA B 10 18.85 17.89 11.06
C ALA B 10 19.57 16.52 10.96
N LEU B 11 19.01 15.59 10.17
CA LEU B 11 19.44 14.18 10.16
C LEU B 11 20.84 13.94 9.56
N PRO B 12 21.60 12.98 10.13
CA PRO B 12 22.87 12.60 9.54
C PRO B 12 22.80 11.88 8.17
N ALA B 13 23.92 11.84 7.47
CA ALA B 13 24.01 11.25 6.14
C ALA B 13 23.40 9.84 6.04
N ASP B 14 23.84 8.94 6.91
CA ASP B 14 23.43 7.54 6.86
C ASP B 14 21.95 7.36 7.19
N VAL B 15 21.39 8.22 8.03
CA VAL B 15 19.97 8.15 8.31
C VAL B 15 19.21 8.63 7.08
N ARG B 16 19.76 9.63 6.38
CA ARG B 16 19.09 10.18 5.19
C ARG B 16 19.09 9.19 4.05
N GLU B 17 20.16 8.41 3.96
CA GLU B 17 20.17 7.31 3.01
C GLU B 17 19.13 6.23 3.37
N ARG B 18 19.01 5.90 4.64
CA ARG B 18 18.10 4.85 5.09
C ARG B 18 16.65 5.26 4.84
N LEU B 19 16.41 6.56 5.02
CA LEU B 19 15.14 7.18 4.81
C LEU B 19 14.74 7.19 3.32
N ARG B 20 15.71 7.33 2.41
CA ARG B 20 15.43 7.24 0.97
C ARG B 20 14.95 5.83 0.64
N ILE B 21 15.70 4.82 1.13
CA ILE B 21 15.25 3.42 1.02
C ILE B 21 13.77 3.20 1.51
N THR B 22 13.41 3.59 2.75
CA THR B 22 12.09 3.28 3.25
C THR B 22 11.01 4.03 2.50
N ARG B 23 11.33 5.26 2.05
CA ARG B 23 10.40 6.05 1.23
C ARG B 23 10.16 5.48 -0.16
N ASP B 24 11.19 4.87 -0.77
CA ASP B 24 11.01 4.09 -2.00
C ASP B 24 10.14 2.84 -1.81
N LEU B 25 10.44 2.10 -0.73
CA LEU B 25 9.67 0.89 -0.40
C LEU B 25 8.20 1.27 -0.18
N ALA B 26 7.97 2.33 0.59
CA ALA B 26 6.60 2.81 0.87
C ALA B 26 5.86 3.16 -0.39
N GLN B 27 6.55 3.80 -1.33
CA GLN B 27 5.92 4.21 -2.59
C GLN B 27 5.51 2.97 -3.45
N ALA B 28 6.41 1.98 -3.55
CA ALA B 28 6.09 0.69 -4.17
C ALA B 28 4.86 0.03 -3.48
N PHE B 29 4.93 -0.13 -2.17
CA PHE B 29 3.85 -0.77 -1.43
C PHE B 29 2.53 -0.05 -1.65
N HIS B 30 2.60 1.26 -1.81
CA HIS B 30 1.40 2.08 -2.12
C HIS B 30 0.81 1.78 -3.49
N GLU B 31 1.67 1.65 -4.50
CA GLU B 31 1.20 1.27 -5.84
C GLU B 31 0.49 -0.11 -5.86
N ARG B 32 1.02 -1.04 -5.09
CA ARG B 32 0.51 -2.41 -4.98
C ARG B 32 -0.65 -2.64 -3.99
N ALA B 33 -0.89 -1.67 -3.08
CA ALA B 33 -1.86 -1.86 -2.00
C ALA B 33 -3.29 -2.12 -2.50
N PRO B 34 -3.77 -1.39 -3.52
CA PRO B 34 -5.18 -1.58 -3.96
C PRO B 34 -5.54 -3.01 -4.31
N GLU B 35 -4.75 -3.63 -5.19
CA GLU B 35 -4.95 -5.00 -5.63
C GLU B 35 -4.83 -6.00 -4.49
N HIS B 36 -3.84 -5.84 -3.62
CA HIS B 36 -3.68 -6.78 -2.48
C HIS B 36 -4.88 -6.68 -1.50
N ASP B 37 -5.34 -5.46 -1.28
CA ASP B 37 -6.48 -5.26 -0.42
C ASP B 37 -7.76 -5.85 -1.07
N ARG B 38 -7.90 -5.72 -2.39
CA ARG B 38 -9.07 -6.33 -3.09
C ARG B 38 -9.02 -7.85 -3.06
N ALA B 39 -7.84 -8.42 -3.28
CA ALA B 39 -7.68 -9.89 -3.25
C ALA B 39 -7.63 -10.46 -1.81
N GLY B 40 -7.26 -9.62 -0.84
CA GLY B 40 -6.99 -10.08 0.52
C GLY B 40 -5.88 -11.15 0.54
N ASP B 41 -4.85 -10.97 -0.28
CA ASP B 41 -3.79 -11.94 -0.37
C ASP B 41 -2.58 -11.36 0.38
N PHE B 42 -1.57 -12.19 0.58
CA PHE B 42 -0.36 -11.76 1.20
C PHE B 42 0.65 -11.25 0.15
N PRO B 43 1.29 -10.09 0.43
CA PRO B 43 2.22 -9.47 -0.53
C PRO B 43 3.67 -10.02 -0.40
N PHE B 44 3.92 -11.16 -1.02
CA PHE B 44 5.28 -11.77 -0.98
C PHE B 44 6.31 -10.81 -1.59
N GLU B 45 5.93 -10.05 -2.62
CA GLU B 45 6.89 -9.17 -3.29
C GLU B 45 7.35 -8.00 -2.40
N ASN B 46 6.47 -7.51 -1.53
CA ASN B 46 6.86 -6.47 -0.60
C ASN B 46 7.94 -7.04 0.38
N ILE B 47 7.79 -8.29 0.80
CA ILE B 47 8.63 -8.91 1.83
C ILE B 47 10.00 -9.13 1.18
N GLU B 48 9.99 -9.51 -0.08
CA GLU B 48 11.22 -9.66 -0.85
C GLU B 48 11.99 -8.32 -0.91
N ASP B 49 11.28 -7.19 -1.11
CA ASP B 49 11.90 -5.86 -1.14
C ASP B 49 12.45 -5.51 0.25
N LEU B 50 11.71 -5.78 1.31
CA LEU B 50 12.20 -5.54 2.64
C LEU B 50 13.52 -6.33 2.89
N LYS B 51 13.55 -7.60 2.50
CA LYS B 51 14.75 -8.44 2.60
C LYS B 51 15.95 -7.94 1.77
N ALA B 52 15.71 -7.54 0.52
CA ALA B 52 16.79 -7.10 -0.39
C ALA B 52 17.32 -5.70 -0.06
N SER B 53 16.49 -4.89 0.57
CA SER B 53 16.92 -3.60 1.08
C SER B 53 17.84 -3.74 2.30
N GLY B 54 17.75 -4.87 2.97
CA GLY B 54 18.36 -5.05 4.26
C GLY B 54 17.51 -4.66 5.47
N TYR B 55 16.31 -4.10 5.25
CA TYR B 55 15.50 -3.56 6.37
C TYR B 55 15.33 -4.53 7.51
N VAL B 56 15.15 -5.82 7.20
CA VAL B 56 14.73 -6.85 8.17
C VAL B 56 15.77 -7.18 9.19
N ARG B 57 17.03 -6.80 8.92
CA ARG B 57 18.14 -6.88 9.92
C ARG B 57 18.55 -5.53 10.55
N TRP B 58 17.83 -4.45 10.28
CA TRP B 58 18.20 -3.11 10.81
C TRP B 58 18.28 -3.02 12.40
N THR B 59 17.39 -3.74 13.08
CA THR B 59 17.38 -3.76 14.52
C THR B 59 18.16 -4.92 15.15
N VAL B 60 18.66 -5.85 14.35
CA VAL B 60 19.62 -6.84 14.86
C VAL B 60 20.89 -6.09 15.33
N PRO B 61 21.46 -6.50 16.48
CA PRO B 61 22.70 -5.76 16.92
C PRO B 61 23.83 -5.76 15.90
N VAL B 62 24.68 -4.75 16.02
CA VAL B 62 25.86 -4.59 15.15
C VAL B 62 26.84 -5.77 15.29
N GLU B 63 26.90 -6.38 16.48
CA GLU B 63 27.78 -7.55 16.72
C GLU B 63 27.38 -8.84 15.94
N TYR B 64 26.13 -8.90 15.42
CA TYR B 64 25.69 -10.02 14.53
C TYR B 64 25.40 -9.60 13.07
N GLY B 65 25.88 -8.43 12.63
CA GLY B 65 25.76 -8.00 11.22
C GLY B 65 24.54 -7.13 10.91
N GLY B 66 23.74 -6.84 11.95
CA GLY B 66 22.69 -5.89 11.82
C GLY B 66 23.22 -4.46 11.98
N LEU B 67 22.32 -3.51 11.90
CA LEU B 67 22.64 -2.08 12.00
C LEU B 67 22.42 -1.55 13.41
N GLY B 68 21.75 -2.31 14.29
CA GLY B 68 21.52 -1.90 15.70
C GLY B 68 20.67 -0.62 15.94
N LEU B 69 19.67 -0.39 15.08
CA LEU B 69 19.05 0.93 15.01
C LEU B 69 18.28 1.23 16.26
N SER B 70 18.21 2.51 16.54
CA SER B 70 17.41 2.99 17.66
C SER B 70 15.90 2.72 17.43
N LEU B 71 15.17 2.69 18.56
CA LEU B 71 13.75 2.64 18.53
C LEU B 71 13.19 3.88 17.82
N GLU B 72 13.70 5.05 18.17
CA GLU B 72 13.27 6.31 17.50
C GLU B 72 13.36 6.21 15.97
N GLU B 73 14.49 5.73 15.47
CA GLU B 73 14.68 5.62 13.99
C GLU B 73 13.85 4.53 13.36
N MET B 74 13.77 3.40 14.02
CA MET B 74 12.82 2.36 13.68
C MET B 74 11.35 2.86 13.57
N LEU B 75 10.87 3.66 14.55
CA LEU B 75 9.49 4.21 14.44
C LEU B 75 9.31 5.11 13.21
N MET B 76 10.33 5.87 12.89
CA MET B 76 10.26 6.78 11.77
C MET B 76 10.03 6.06 10.45
N HIS B 77 10.83 5.01 10.23
CA HIS B 77 10.69 4.14 9.09
C HIS B 77 9.36 3.36 9.09
N GLN B 78 8.96 2.82 10.25
CA GLN B 78 7.64 2.17 10.33
C GLN B 78 6.46 3.11 9.92
N GLU B 79 6.59 4.39 10.27
CA GLU B 79 5.57 5.41 9.98
C GLU B 79 5.54 5.71 8.47
N VAL B 80 6.74 5.82 7.89
CA VAL B 80 6.89 5.99 6.44
C VAL B 80 6.28 4.81 5.69
N LEU B 81 6.64 3.58 6.08
CA LEU B 81 6.10 2.34 5.51
C LEU B 81 4.55 2.25 5.59
N ALA B 82 4.00 2.58 6.74
CA ALA B 82 2.57 2.46 6.93
C ALA B 82 1.79 3.44 6.05
N LYS B 83 2.34 4.63 5.84
CA LYS B 83 1.80 5.63 4.97
C LYS B 83 1.72 5.11 3.51
N GLY B 84 2.70 4.30 3.06
CA GLY B 84 2.56 3.49 1.83
C GLY B 84 1.47 2.37 1.84
N ASP B 85 1.57 1.46 2.83
CA ASP B 85 0.60 0.37 3.06
C ASP B 85 0.68 -0.13 4.51
N GLY B 86 -0.47 -0.05 5.20
CA GLY B 86 -0.57 -0.40 6.58
C GLY B 86 -0.38 -1.84 6.95
N SER B 87 -0.96 -2.77 6.17
CA SER B 87 -0.83 -4.20 6.44
C SER B 87 0.66 -4.65 6.42
N THR B 88 1.41 -4.29 5.38
CA THR B 88 2.82 -4.65 5.27
C THR B 88 3.67 -4.00 6.40
N ALA B 89 3.43 -2.72 6.72
CA ALA B 89 4.13 -2.01 7.77
C ALA B 89 3.93 -2.64 9.12
N LEU B 90 2.68 -3.00 9.42
CA LEU B 90 2.35 -3.64 10.72
C LEU B 90 2.97 -5.06 10.79
N ALA B 91 2.87 -5.80 9.71
CA ALA B 91 3.46 -7.17 9.69
C ALA B 91 4.99 -7.16 10.01
N ILE B 92 5.76 -6.40 9.24
CA ILE B 92 7.19 -6.30 9.43
C ILE B 92 7.54 -5.60 10.76
N GLY B 93 6.68 -4.71 11.26
CA GLY B 93 6.85 -4.07 12.56
C GLY B 93 6.96 -5.05 13.73
N TRP B 94 6.19 -6.15 13.63
CA TRP B 94 6.32 -7.24 14.58
C TRP B 94 7.73 -7.81 14.57
N HIS B 95 8.24 -8.05 13.38
CA HIS B 95 9.56 -8.65 13.22
C HIS B 95 10.65 -7.75 13.77
N VAL B 96 10.79 -6.57 13.17
CA VAL B 96 11.85 -5.63 13.59
C VAL B 96 11.68 -5.22 15.09
N GLY B 97 10.44 -5.15 15.55
CA GLY B 97 10.11 -4.70 16.90
C GLY B 97 10.48 -5.74 17.94
N ILE B 98 10.11 -6.99 17.64
CA ILE B 98 10.49 -8.11 18.46
C ILE B 98 12.05 -8.30 18.54
N LEU B 99 12.75 -8.14 17.43
CA LEU B 99 14.23 -8.24 17.49
C LEU B 99 14.83 -7.16 18.38
N LEU B 100 14.23 -5.97 18.36
CA LEU B 100 14.65 -4.89 19.25
C LEU B 100 14.31 -5.22 20.70
N HIS B 101 13.06 -5.62 20.98
CA HIS B 101 12.70 -6.16 22.30
C HIS B 101 13.77 -7.18 22.79
N LEU B 102 14.14 -8.17 21.95
CA LEU B 102 15.10 -9.22 22.37
C LEU B 102 16.53 -8.68 22.60
N ARG B 103 16.95 -7.78 21.70
CA ARG B 103 18.21 -7.10 21.82
C ARG B 103 18.32 -6.30 23.12
N GLU B 104 17.27 -5.56 23.43
CA GLU B 104 17.28 -4.68 24.60
C GLU B 104 17.03 -5.42 25.93
N THR B 105 16.47 -6.63 25.88
CA THR B 105 16.10 -7.35 27.11
C THR B 105 16.97 -8.55 27.53
N GLY B 106 17.58 -9.22 26.56
CA GLY B 106 18.19 -10.53 26.79
C GLY B 106 17.17 -11.59 27.21
N ALA B 107 15.94 -11.47 26.71
CA ALA B 107 14.84 -12.38 27.02
C ALA B 107 15.16 -13.77 26.48
N PHE B 108 15.76 -13.82 25.28
CA PHE B 108 16.23 -15.12 24.74
C PHE B 108 17.52 -15.52 25.45
N PRO B 109 17.74 -16.85 25.64
CA PRO B 109 19.08 -17.29 26.01
C PRO B 109 20.09 -16.87 24.95
N ASP B 110 21.32 -16.61 25.38
CA ASP B 110 22.37 -16.08 24.51
C ASP B 110 22.57 -16.92 23.27
N GLU B 111 22.65 -18.24 23.45
CA GLU B 111 22.83 -19.17 22.32
C GLU B 111 21.70 -19.05 21.30
N LEU B 112 20.46 -19.10 21.79
CA LEU B 112 19.25 -19.02 20.98
C LEU B 112 19.17 -17.67 20.25
N PHE B 113 19.41 -16.56 20.98
CA PHE B 113 19.34 -15.21 20.38
C PHE B 113 20.35 -15.07 19.25
N ARG B 114 21.54 -15.62 19.45
CA ARG B 114 22.61 -15.58 18.44
C ARG B 114 22.22 -16.37 17.23
N MET B 115 21.69 -17.58 17.44
CA MET B 115 21.12 -18.42 16.35
C MET B 115 19.99 -17.69 15.55
N VAL B 116 19.04 -17.07 16.25
CA VAL B 116 17.95 -16.39 15.56
C VAL B 116 18.52 -15.22 14.75
N CYS B 117 19.39 -14.41 15.36
CA CYS B 117 20.01 -13.26 14.68
C CYS B 117 20.86 -13.65 13.45
N GLU B 118 21.50 -14.83 13.49
CA GLU B 118 22.24 -15.31 12.32
C GLU B 118 21.30 -15.52 11.17
N SER B 119 20.21 -16.26 11.41
CA SER B 119 19.24 -16.57 10.34
C SER B 119 18.62 -15.32 9.70
N VAL B 120 18.42 -14.27 10.50
CA VAL B 120 17.87 -13.03 9.98
C VAL B 120 18.88 -12.34 9.03
N VAL B 121 20.13 -12.23 9.49
CA VAL B 121 21.16 -11.53 8.73
C VAL B 121 21.61 -12.28 7.45
N LYS B 122 21.76 -13.61 7.53
CA LYS B 122 22.34 -14.35 6.42
C LYS B 122 21.28 -15.01 5.51
N GLU B 123 20.09 -15.28 6.03
CA GLU B 123 19.00 -15.88 5.25
C GLU B 123 17.74 -15.01 5.13
N GLY B 124 17.68 -13.89 5.83
CA GLY B 124 16.47 -13.07 5.85
C GLY B 124 15.31 -13.70 6.59
N ALA B 125 15.59 -14.57 7.55
CA ALA B 125 14.55 -15.23 8.33
C ALA B 125 13.71 -14.20 9.09
N LEU B 126 12.39 -14.42 9.07
CA LEU B 126 11.46 -13.57 9.78
C LEU B 126 10.84 -14.23 11.02
N ILE B 127 10.53 -13.41 12.04
CA ILE B 127 10.00 -13.88 13.31
C ILE B 127 8.78 -13.11 13.76
N ASN B 128 7.90 -13.80 14.48
CA ASN B 128 6.77 -13.13 15.13
C ASN B 128 6.33 -13.94 16.34
N SER B 129 5.64 -13.28 17.27
CA SER B 129 4.98 -13.92 18.39
C SER B 129 3.52 -14.26 18.10
N CYS B 130 3.16 -15.55 18.16
CA CYS B 130 1.78 -15.99 17.94
C CYS B 130 1.24 -16.59 19.23
N ALA B 131 0.52 -15.76 19.99
CA ALA B 131 0.05 -16.09 21.36
C ALA B 131 -1.48 -16.02 21.55
N THR B 132 -2.18 -15.26 20.71
CA THR B 132 -3.62 -15.12 20.87
C THR B 132 -4.38 -16.43 20.56
N GLU B 133 -5.38 -16.72 21.39
CA GLU B 133 -6.32 -17.84 21.21
C GLU B 133 -7.75 -17.36 21.50
N PRO B 134 -8.74 -18.05 20.92
CA PRO B 134 -10.12 -17.64 21.23
C PRO B 134 -10.41 -17.69 22.73
N ALA B 135 -9.95 -18.75 23.40
CA ALA B 135 -10.26 -19.04 24.81
C ALA B 135 -9.70 -18.04 25.84
N THR B 136 -8.61 -17.34 25.49
CA THR B 136 -7.93 -16.41 26.39
C THR B 136 -8.21 -14.90 26.12
N GLY B 137 -8.65 -14.57 24.89
CA GLY B 137 -8.61 -13.22 24.40
C GLY B 137 -7.17 -12.75 24.31
N SER B 138 -7.02 -11.44 24.45
CA SER B 138 -5.70 -10.80 24.38
C SER B 138 -4.80 -11.44 25.43
N PRO B 139 -3.60 -11.90 25.02
CA PRO B 139 -2.61 -12.41 25.98
C PRO B 139 -2.24 -11.42 27.06
N SER B 140 -2.23 -10.14 26.71
CA SER B 140 -2.02 -9.06 27.68
C SER B 140 -2.94 -9.12 28.95
N ARG B 141 -4.13 -9.73 28.82
CA ARG B 141 -5.04 -9.94 29.99
C ARG B 141 -4.60 -11.07 30.90
N GLY B 142 -3.63 -11.89 30.47
CA GLY B 142 -2.96 -12.86 31.38
C GLY B 142 -3.54 -14.28 31.43
N GLY B 143 -4.45 -14.59 30.51
CA GLY B 143 -5.06 -15.91 30.46
C GLY B 143 -4.05 -17.03 30.19
N LYS B 144 -4.25 -18.18 30.83
CA LYS B 144 -3.41 -19.36 30.52
C LYS B 144 -3.84 -19.93 29.15
N PRO B 145 -2.91 -20.05 28.20
CA PRO B 145 -3.32 -20.62 26.92
C PRO B 145 -3.75 -22.10 27.04
N GLU B 146 -4.74 -22.51 26.24
CA GLU B 146 -5.13 -23.91 26.13
C GLU B 146 -4.20 -24.71 25.22
N THR B 147 -3.35 -24.04 24.44
CA THR B 147 -2.21 -24.68 23.80
C THR B 147 -1.33 -25.32 24.91
N THR B 148 -1.16 -26.64 24.85
CA THR B 148 -0.44 -27.36 25.89
C THR B 148 0.92 -27.88 25.41
N ALA B 149 1.91 -27.85 26.30
CA ALA B 149 3.27 -28.23 25.99
C ALA B 149 3.64 -29.35 26.96
N VAL B 150 3.91 -30.52 26.41
CA VAL B 150 4.14 -31.73 27.23
C VAL B 150 5.60 -32.17 27.14
N LYS B 151 6.22 -32.41 28.29
CA LYS B 151 7.65 -32.68 28.39
C LYS B 151 8.00 -34.08 27.86
N VAL B 152 8.84 -34.15 26.83
CA VAL B 152 9.30 -35.46 26.26
C VAL B 152 10.85 -35.54 26.35
N PRO B 153 11.47 -36.61 25.82
CA PRO B 153 12.92 -36.71 26.01
C PRO B 153 13.72 -35.50 25.52
N GLY B 154 13.57 -35.14 24.26
CA GLY B 154 14.34 -34.02 23.71
C GLY B 154 13.93 -32.62 24.18
N GLY B 155 12.65 -32.42 24.41
CA GLY B 155 12.16 -31.08 24.77
C GLY B 155 10.69 -31.04 25.14
N TYR B 156 9.85 -30.63 24.18
CA TYR B 156 8.41 -30.50 24.44
C TYR B 156 7.61 -30.82 23.18
N ARG B 157 6.45 -31.43 23.35
CA ARG B 157 5.47 -31.58 22.25
C ARG B 157 4.38 -30.55 22.44
N ILE B 158 4.24 -29.64 21.49
CA ILE B 158 3.23 -28.58 21.56
C ILE B 158 2.03 -28.92 20.68
N THR B 159 0.83 -28.82 21.27
CA THR B 159 -0.41 -29.11 20.59
C THR B 159 -1.44 -28.03 20.92
N GLY B 160 -1.97 -27.38 19.88
CA GLY B 160 -2.92 -26.29 20.09
C GLY B 160 -3.16 -25.47 18.85
N ARG B 161 -3.79 -24.32 19.03
CA ARG B 161 -4.17 -23.45 17.91
C ARG B 161 -4.07 -22.00 18.28
N LYS B 162 -3.43 -21.21 17.43
CA LYS B 162 -3.31 -19.75 17.64
C LYS B 162 -3.99 -19.00 16.47
N THR B 163 -4.64 -17.88 16.81
CA THR B 163 -5.29 -16.98 15.83
C THR B 163 -4.49 -15.64 15.71
N PHE B 164 -4.86 -14.85 14.71
CA PHE B 164 -4.20 -13.59 14.38
C PHE B 164 -2.68 -13.76 14.26
N SER B 165 -2.23 -14.76 13.50
CA SER B 165 -0.78 -15.07 13.34
C SER B 165 -0.16 -14.26 12.22
N THR B 166 0.04 -12.97 12.51
CA THR B 166 0.53 -12.00 11.52
C THR B 166 1.88 -12.43 10.95
N LEU B 167 2.05 -12.16 9.65
CA LEU B 167 3.27 -12.46 8.89
C LEU B 167 3.46 -13.96 8.57
N SER B 168 2.47 -14.80 8.95
CA SER B 168 2.69 -16.25 9.02
C SER B 168 3.08 -16.93 7.68
N PRO B 169 2.64 -16.43 6.51
CA PRO B 169 3.02 -17.06 5.25
C PRO B 169 4.50 -16.95 4.94
N ALA B 170 5.13 -15.89 5.48
CA ALA B 170 6.54 -15.55 5.28
C ALA B 170 7.45 -15.80 6.49
N LEU B 171 6.93 -16.42 7.54
CA LEU B 171 7.68 -16.57 8.77
C LEU B 171 8.57 -17.77 8.66
N THR B 172 9.75 -17.65 9.27
CA THR B 172 10.61 -18.77 9.53
C THR B 172 10.42 -19.27 10.97
N TRP B 173 10.49 -18.34 11.91
CA TRP B 173 10.42 -18.65 13.32
C TRP B 173 9.10 -18.06 13.93
N ILE B 174 8.46 -18.84 14.79
CA ILE B 174 7.29 -18.45 15.47
C ILE B 174 7.47 -18.67 16.98
N MET B 175 7.33 -17.60 17.78
CA MET B 175 7.25 -17.74 19.24
C MET B 175 5.82 -18.06 19.60
N VAL B 176 5.63 -19.15 20.34
CA VAL B 176 4.31 -19.67 20.65
C VAL B 176 4.26 -19.89 22.15
N THR B 177 3.25 -19.32 22.80
CA THR B 177 3.05 -19.53 24.22
C THR B 177 2.18 -20.75 24.39
N ALA B 178 2.44 -21.51 25.46
CA ALA B 178 1.72 -22.76 25.76
C ALA B 178 1.81 -23.12 27.24
N THR B 179 0.73 -23.67 27.80
CA THR B 179 0.72 -24.10 29.21
C THR B 179 1.34 -25.49 29.33
N VAL B 180 2.28 -25.66 30.24
CA VAL B 180 2.90 -26.99 30.42
C VAL B 180 1.95 -27.89 31.24
N ALA B 181 1.52 -28.99 30.62
CA ALA B 181 0.29 -29.70 31.04
C ALA B 181 0.29 -30.07 32.52
N ASP B 182 1.26 -30.90 32.90
CA ASP B 182 1.30 -31.48 34.23
C ASP B 182 1.61 -30.48 35.34
N GLU B 183 2.37 -29.43 35.03
CA GLU B 183 2.88 -28.51 36.05
C GLU B 183 2.04 -27.25 36.29
N ASP B 184 1.18 -26.88 35.35
CA ASP B 184 0.35 -25.65 35.41
C ASP B 184 1.18 -24.38 35.48
N VAL B 185 2.02 -24.19 34.47
CA VAL B 185 2.75 -22.95 34.26
C VAL B 185 2.81 -22.66 32.76
N VAL B 186 2.93 -21.38 32.41
CA VAL B 186 2.96 -20.94 31.02
C VAL B 186 4.41 -20.87 30.60
N GLY B 187 4.67 -21.32 29.37
CA GLY B 187 5.99 -21.26 28.72
C GLY B 187 5.91 -20.67 27.31
N GLN B 188 7.01 -20.08 26.84
CA GLN B 188 7.12 -19.64 25.47
C GLN B 188 8.15 -20.50 24.75
N PHE B 189 7.89 -20.76 23.47
CA PHE B 189 8.59 -21.79 22.71
C PHE B 189 8.85 -21.30 21.27
N LEU B 190 10.08 -21.48 20.79
CA LEU B 190 10.43 -21.03 19.44
C LEU B 190 10.21 -22.17 18.44
N VAL B 191 9.19 -22.03 17.61
CA VAL B 191 8.80 -23.08 16.66
C VAL B 191 9.18 -22.66 15.26
N ARG B 192 9.63 -23.63 14.46
CA ARG B 192 9.84 -23.40 13.05
C ARG B 192 8.47 -23.35 12.38
N LYS B 193 8.35 -22.43 11.43
CA LYS B 193 7.15 -22.33 10.58
C LYS B 193 6.84 -23.65 9.80
N GLU B 194 7.88 -24.38 9.41
CA GLU B 194 7.68 -25.63 8.66
C GLU B 194 6.92 -26.73 9.44
N ASP B 195 6.94 -26.67 10.78
CA ASP B 195 6.26 -27.67 11.61
C ASP B 195 4.78 -27.32 12.00
N VAL B 196 4.24 -26.21 11.48
CA VAL B 196 2.84 -25.85 11.77
C VAL B 196 2.03 -25.85 10.50
N GLU B 197 0.73 -26.02 10.67
CA GLU B 197 -0.23 -25.90 9.59
C GLU B 197 -0.92 -24.53 9.69
N ILE B 198 -0.64 -23.65 8.74
CA ILE B 198 -1.47 -22.45 8.49
C ILE B 198 -2.85 -22.80 7.88
N VAL B 199 -3.93 -22.51 8.61
CA VAL B 199 -5.31 -22.57 8.10
C VAL B 199 -5.69 -21.16 7.70
N GLU B 200 -6.04 -20.94 6.43
CA GLU B 200 -6.13 -19.58 5.87
C GLU B 200 -7.44 -18.90 6.24
N THR B 201 -7.51 -18.38 7.47
CA THR B 201 -8.77 -17.90 8.01
C THR B 201 -8.92 -16.40 7.93
N TRP B 202 -7.84 -15.69 7.62
CA TRP B 202 -7.83 -14.20 7.72
C TRP B 202 -8.61 -13.58 6.57
N ASP B 203 -9.75 -12.96 6.93
CA ASP B 203 -10.69 -12.36 5.99
C ASP B 203 -11.42 -11.25 6.77
N THR B 204 -10.87 -10.07 6.66
CA THR B 204 -11.14 -9.00 7.53
C THR B 204 -11.50 -7.73 6.83
N LEU B 205 -11.96 -6.79 7.66
CA LEU B 205 -12.38 -5.48 7.23
C LEU B 205 -11.24 -4.71 6.69
N GLY B 206 -10.21 -4.58 7.53
CA GLY B 206 -8.92 -3.95 7.16
C GLY B 206 -7.69 -4.80 7.51
N MET B 207 -6.52 -4.23 7.23
CA MET B 207 -5.24 -4.90 7.35
C MET B 207 -5.32 -6.28 6.72
N ARG B 208 -5.97 -6.31 5.53
CA ARG B 208 -6.34 -7.57 4.83
C ARG B 208 -5.12 -8.28 4.31
N ALA B 209 -4.02 -7.57 4.13
CA ALA B 209 -2.75 -8.19 3.61
C ALA B 209 -1.70 -8.59 4.70
N THR B 210 -2.07 -8.61 5.97
CA THR B 210 -1.11 -9.01 7.01
C THR B 210 -0.82 -10.52 7.08
N GLY B 211 -1.66 -11.33 6.44
CA GLY B 211 -1.62 -12.81 6.51
C GLY B 211 -1.72 -13.35 7.95
N SER B 212 -2.57 -12.71 8.77
CA SER B 212 -2.77 -13.08 10.20
C SER B 212 -3.76 -14.26 10.41
N HIS B 213 -3.38 -15.43 9.85
CA HIS B 213 -4.22 -16.64 9.79
C HIS B 213 -4.23 -17.36 11.13
N ASP B 214 -4.89 -18.51 11.18
CA ASP B 214 -4.71 -19.45 12.28
C ASP B 214 -3.46 -20.33 12.00
N ILE B 215 -2.76 -20.72 13.06
CA ILE B 215 -1.75 -21.76 12.99
C ILE B 215 -2.17 -22.93 13.88
N VAL B 216 -2.07 -24.17 13.36
CA VAL B 216 -2.41 -25.37 14.12
C VAL B 216 -1.10 -26.12 14.37
N LEU B 217 -0.91 -26.55 15.62
CA LEU B 217 0.24 -27.32 16.04
C LEU B 217 -0.33 -28.62 16.53
N LYS B 218 0.12 -29.73 15.94
CA LYS B 218 -0.27 -31.10 16.32
C LYS B 218 0.98 -31.90 16.68
N ASP B 219 1.25 -32.03 17.98
CA ASP B 219 2.42 -32.78 18.51
C ASP B 219 3.75 -32.25 17.98
N VAL B 220 3.87 -30.92 17.89
CA VAL B 220 5.05 -30.26 17.30
C VAL B 220 6.19 -30.27 18.30
N PHE B 221 7.32 -30.84 17.89
CA PHE B 221 8.47 -30.95 18.74
C PHE B 221 9.18 -29.61 18.79
N VAL B 222 9.63 -29.25 19.99
CA VAL B 222 10.52 -28.10 20.22
C VAL B 222 11.68 -28.63 21.08
N PRO B 223 12.90 -28.61 20.54
CA PRO B 223 14.02 -29.11 21.31
C PRO B 223 14.35 -28.15 22.44
N GLU B 224 14.91 -28.69 23.51
CA GLU B 224 15.23 -27.93 24.74
C GLU B 224 15.93 -26.58 24.43
N GLU B 225 16.82 -26.57 23.44
CA GLU B 225 17.59 -25.39 23.07
C GLU B 225 16.74 -24.26 22.59
N ARG B 226 15.61 -24.58 21.96
CA ARG B 226 14.64 -23.56 21.49
C ARG B 226 13.50 -23.20 22.49
N VAL B 227 13.60 -23.66 23.73
CA VAL B 227 12.66 -23.29 24.79
C VAL B 227 13.13 -21.93 25.32
N ILE B 228 12.25 -20.94 25.21
CA ILE B 228 12.60 -19.53 25.48
C ILE B 228 12.59 -19.25 26.98
N VAL B 229 11.46 -19.58 27.61
CA VAL B 229 11.26 -19.45 29.06
C VAL B 229 10.10 -20.33 29.54
N ILE B 230 10.14 -20.72 30.81
CA ILE B 230 9.02 -21.37 31.45
C ILE B 230 8.84 -20.64 32.77
N GLN B 231 7.77 -19.86 32.88
CA GLN B 231 7.59 -18.95 33.99
C GLN B 231 7.10 -19.69 35.23
N ARG B 232 8.05 -20.23 35.98
CA ARG B 232 7.77 -20.87 37.27
C ARG B 232 7.73 -19.84 38.40
N PRO B 233 7.52 -20.29 39.66
CA PRO B 233 7.62 -19.33 40.77
C PRO B 233 9.06 -18.82 41.01
N GLY B 234 9.24 -17.50 40.91
CA GLY B 234 10.55 -16.88 41.11
C GLY B 234 11.48 -17.01 39.91
N VAL B 235 11.11 -16.34 38.82
CA VAL B 235 11.95 -16.27 37.61
C VAL B 235 11.61 -15.00 36.79
N GLN B 236 12.65 -14.31 36.33
CA GLN B 236 12.50 -13.19 35.41
C GLN B 236 12.67 -13.70 33.99
N ALA B 237 11.78 -13.23 33.11
CA ALA B 237 11.91 -13.47 31.68
C ALA B 237 13.06 -12.60 31.13
N GLU B 238 12.96 -11.31 31.41
CA GLU B 238 13.85 -10.30 30.85
C GLU B 238 14.99 -9.99 31.82
N ARG B 239 16.22 -10.33 31.45
CA ARG B 239 17.42 -9.98 32.24
C ARG B 239 17.60 -8.45 32.42
N ARG B 240 17.23 -7.67 31.40
CA ARG B 240 17.20 -6.20 31.46
C ARG B 240 15.84 -5.69 30.98
N PRO B 241 14.86 -5.48 31.89
CA PRO B 241 13.50 -5.02 31.49
C PRO B 241 13.52 -3.85 30.51
N ASP B 242 12.63 -3.85 29.51
CA ASP B 242 12.48 -2.73 28.58
C ASP B 242 11.13 -1.95 28.74
N GLY B 243 10.37 -2.31 29.76
CA GLY B 243 9.01 -1.74 29.91
C GLY B 243 8.12 -1.80 28.68
N SER B 244 8.35 -2.77 27.81
CA SER B 244 7.58 -2.95 26.57
C SER B 244 7.62 -1.76 25.58
N GLY B 245 8.74 -1.04 25.56
CA GLY B 245 8.89 0.13 24.66
C GLY B 245 8.78 -0.17 23.18
N TRP B 246 9.23 -1.35 22.78
CA TRP B 246 9.15 -1.81 21.39
C TRP B 246 7.74 -1.81 20.86
N LEU B 247 6.75 -2.00 21.75
CA LEU B 247 5.36 -1.94 21.36
C LEU B 247 4.92 -0.59 20.77
N LEU B 248 5.74 0.44 20.94
CA LEU B 248 5.56 1.67 20.17
C LEU B 248 5.52 1.57 18.64
N HIS B 249 5.91 0.42 18.04
CA HIS B 249 5.70 0.24 16.58
C HIS B 249 4.22 0.30 16.18
N ILE B 250 3.33 -0.05 17.12
CA ILE B 250 1.91 -0.02 16.90
C ILE B 250 1.38 1.43 16.63
N PRO B 251 1.53 2.34 17.61
CA PRO B 251 1.18 3.69 17.27
C PRO B 251 1.83 4.27 16.01
N ALA B 252 3.13 3.99 15.79
CA ALA B 252 3.82 4.52 14.62
C ALA B 252 3.08 4.08 13.32
N CYS B 253 2.58 2.85 13.28
CA CYS B 253 1.98 2.29 12.06
C CYS B 253 0.61 2.94 11.80
N TYR B 254 -0.22 3.03 12.86
CA TYR B 254 -1.50 3.69 12.74
C TYR B 254 -1.43 5.21 12.50
N LEU B 255 -0.42 5.89 13.00
CA LEU B 255 -0.21 7.29 12.62
C LEU B 255 0.22 7.43 11.17
N GLY B 256 1.09 6.55 10.68
CA GLY B 256 1.41 6.55 9.27
C GLY B 256 0.16 6.46 8.36
N ILE B 257 -0.81 5.60 8.72
CA ILE B 257 -2.04 5.46 7.93
C ILE B 257 -2.82 6.79 7.99
N ALA B 258 -2.85 7.39 9.15
CA ALA B 258 -3.54 8.68 9.34
C ALA B 258 -2.95 9.83 8.47
N LEU B 259 -1.63 9.86 8.34
CA LEU B 259 -0.95 10.86 7.51
C LEU B 259 -1.24 10.70 6.02
N ALA B 260 -1.29 9.44 5.57
CA ALA B 260 -1.78 9.12 4.24
C ALA B 260 -3.25 9.69 4.01
N ALA B 261 -4.12 9.47 4.97
CA ALA B 261 -5.50 9.99 4.91
C ALA B 261 -5.55 11.52 4.88
N ARG B 262 -4.78 12.12 5.78
CA ARG B 262 -4.68 13.57 5.81
C ARG B 262 -4.16 14.09 4.47
N ASP B 263 -3.04 13.58 4.01
CA ASP B 263 -2.49 13.96 2.69
C ASP B 263 -3.54 13.87 1.56
N PHE B 264 -4.33 12.79 1.50
CA PHE B 264 -5.32 12.65 0.41
C PHE B 264 -6.41 13.71 0.46
N ALA B 265 -6.92 13.94 1.66
CA ALA B 265 -8.01 14.91 1.87
C ALA B 265 -7.53 16.36 1.63
N LEU B 266 -6.30 16.65 2.00
CA LEU B 266 -5.70 17.95 1.77
C LEU B 266 -5.53 18.23 0.28
N GLU B 267 -5.00 17.24 -0.45
CA GLU B 267 -4.87 17.28 -1.89
C GLU B 267 -6.25 17.45 -2.57
N TYR B 268 -7.24 16.70 -2.08
CA TYR B 268 -8.59 16.70 -2.62
C TYR B 268 -9.26 18.06 -2.37
N ALA B 269 -9.26 18.49 -1.12
CA ALA B 269 -9.81 19.80 -0.74
C ALA B 269 -9.15 20.96 -1.47
N ALA B 270 -7.84 20.88 -1.65
CA ALA B 270 -7.11 21.91 -2.38
C ALA B 270 -7.54 22.07 -3.86
N THR B 271 -8.00 20.96 -4.46
CA THR B 271 -8.30 20.91 -5.88
C THR B 271 -9.77 20.78 -6.24
N TYR B 272 -10.63 20.36 -5.32
CA TYR B 272 -12.04 20.17 -5.65
C TYR B 272 -12.81 21.45 -5.53
N ARG B 273 -13.44 21.84 -6.62
CA ARG B 273 -14.27 23.05 -6.66
C ARG B 273 -15.61 22.78 -7.33
N PRO B 274 -16.67 22.64 -6.53
CA PRO B 274 -18.03 22.57 -7.13
C PRO B 274 -18.48 23.91 -7.72
N ASN B 275 -19.55 23.87 -8.52
CA ASN B 275 -20.05 25.07 -9.20
C ASN B 275 -20.80 26.04 -8.25
N THR B 276 -20.92 25.64 -6.99
CA THR B 276 -21.47 26.49 -5.93
C THR B 276 -20.42 27.39 -5.24
N LEU B 277 -19.14 27.28 -5.59
CA LEU B 277 -18.12 28.08 -4.93
C LEU B 277 -17.17 28.79 -5.90
N PRO B 278 -16.64 29.99 -5.51
CA PRO B 278 -15.64 30.70 -6.32
C PRO B 278 -14.21 30.22 -6.05
N HIS B 279 -14.04 29.25 -5.13
CA HIS B 279 -12.74 28.77 -4.64
C HIS B 279 -12.86 27.28 -4.28
N PRO B 280 -11.72 26.57 -4.16
CA PRO B 280 -11.84 25.17 -3.70
C PRO B 280 -12.37 25.02 -2.24
N ILE B 281 -12.82 23.82 -1.93
CA ILE B 281 -13.43 23.54 -0.66
C ILE B 281 -12.47 23.69 0.52
N ALA B 282 -11.16 23.67 0.27
CA ALA B 282 -10.17 23.99 1.32
C ALA B 282 -10.36 25.36 1.94
N GLU B 283 -10.94 26.32 1.21
CA GLU B 283 -11.29 27.63 1.77
C GLU B 283 -12.69 27.74 2.44
N VAL B 284 -13.49 26.67 2.42
CA VAL B 284 -14.78 26.66 3.09
C VAL B 284 -14.52 26.52 4.60
N PRO B 285 -15.19 27.34 5.44
CA PRO B 285 -14.87 27.34 6.89
C PRO B 285 -14.92 25.99 7.59
N HIS B 286 -16.03 25.25 7.44
CA HIS B 286 -16.15 23.95 8.08
C HIS B 286 -15.09 22.90 7.60
N VAL B 287 -14.71 22.96 6.33
CA VAL B 287 -13.66 22.09 5.77
C VAL B 287 -12.31 22.50 6.35
N GLU B 288 -12.04 23.79 6.37
CA GLU B 288 -10.81 24.36 6.94
C GLU B 288 -10.69 23.91 8.38
N GLN B 289 -11.82 23.96 9.16
CA GLN B 289 -11.76 23.56 10.59
C GLN B 289 -11.36 22.08 10.72
N LYS B 290 -11.98 21.23 9.91
CA LYS B 290 -11.66 19.79 9.93
C LYS B 290 -10.23 19.53 9.57
N LEU B 291 -9.77 20.26 8.52
CA LEU B 291 -8.36 20.17 8.06
C LEU B 291 -7.41 20.52 9.23
N GLY B 292 -7.75 21.59 9.94
CA GLY B 292 -6.93 22.05 11.05
C GLY B 292 -6.94 21.12 12.25
N GLU B 293 -8.11 20.54 12.51
CA GLU B 293 -8.23 19.56 13.59
C GLU B 293 -7.36 18.32 13.33
N MET B 294 -7.38 17.77 12.09
CA MET B 294 -6.48 16.68 11.71
C MET B 294 -5.06 17.02 12.07
N GLU B 295 -4.64 18.21 11.68
CA GLU B 295 -3.29 18.69 11.98
C GLU B 295 -2.95 18.72 13.46
N LEU B 296 -3.88 19.21 14.27
CA LEU B 296 -3.65 19.23 15.71
C LEU B 296 -3.47 17.80 16.29
N LYS B 297 -4.36 16.89 15.91
CA LYS B 297 -4.27 15.55 16.39
C LYS B 297 -2.97 14.89 16.07
N LEU B 298 -2.49 15.06 14.82
CA LEU B 298 -1.26 14.40 14.36
C LEU B 298 -0.08 14.98 15.12
N LEU B 299 -0.03 16.32 15.24
CA LEU B 299 1.00 17.04 15.91
C LEU B 299 1.20 16.49 17.33
N ALA B 300 0.13 16.48 18.09
CA ALA B 300 0.16 16.03 19.47
C ALA B 300 0.59 14.58 19.69
N ALA B 301 0.00 13.68 18.89
CA ALA B 301 0.23 12.25 19.03
C ALA B 301 1.61 11.84 18.48
N ARG B 302 2.04 12.47 17.40
CA ARG B 302 3.37 12.18 16.86
C ARG B 302 4.49 12.76 17.73
N THR B 303 4.31 14.01 18.17
CA THR B 303 5.27 14.63 19.10
C THR B 303 5.44 13.76 20.35
N LEU B 304 4.35 13.28 20.91
CA LEU B 304 4.45 12.41 22.08
C LEU B 304 5.18 11.10 21.76
N LEU B 305 4.80 10.52 20.61
CA LEU B 305 5.42 9.26 20.14
C LEU B 305 6.94 9.38 20.13
N TYR B 306 7.45 10.35 19.38
CA TYR B 306 8.90 10.42 19.14
C TYR B 306 9.62 10.89 20.39
N ASP B 307 8.95 11.73 21.20
CA ASP B 307 9.50 12.12 22.50
C ASP B 307 9.77 10.89 23.37
N LEU B 308 8.80 10.00 23.44
CA LEU B 308 8.92 8.80 24.26
C LEU B 308 9.97 7.78 23.72
N ALA B 309 9.97 7.55 22.41
CA ALA B 309 11.01 6.75 21.75
C ALA B 309 12.41 7.28 22.07
N ARG B 310 12.59 8.58 21.93
CA ARG B 310 13.86 9.26 22.24
C ARG B 310 14.25 9.03 23.68
N ARG B 311 13.29 9.11 24.61
CA ARG B 311 13.55 8.77 26.03
C ARG B 311 13.85 7.31 26.24
N PHE B 312 13.10 6.44 25.58
CA PHE B 312 13.37 5.03 25.65
C PHE B 312 14.84 4.72 25.27
N ASP B 313 15.34 5.29 24.17
CA ASP B 313 16.76 5.05 23.71
C ASP B 313 17.81 5.53 24.69
N ALA B 314 17.52 6.60 25.43
CA ALA B 314 18.48 7.10 26.41
C ALA B 314 18.38 6.43 27.82
N ALA B 315 17.27 5.76 28.10
CA ALA B 315 16.94 5.31 29.47
C ALA B 315 17.59 3.97 29.79
N SER B 316 17.90 3.79 31.08
CA SER B 316 18.35 2.51 31.68
C SER B 316 17.14 1.58 31.82
N PRO B 317 17.38 0.26 32.04
CA PRO B 317 16.29 -0.71 32.22
C PRO B 317 15.29 -0.41 33.37
N GLU B 318 15.74 0.29 34.41
CA GLU B 318 14.89 0.73 35.51
C GLU B 318 13.98 1.87 35.05
N GLU B 319 14.56 2.85 34.36
CA GLU B 319 13.80 4.01 33.86
C GLU B 319 12.81 3.56 32.80
N ARG B 320 13.16 2.55 31.97
CA ARG B 320 12.25 1.99 30.97
C ARG B 320 10.98 1.35 31.59
N VAL B 321 11.14 0.68 32.73
CA VAL B 321 9.99 0.10 33.45
C VAL B 321 9.02 1.16 33.88
N LYS B 322 9.57 2.26 34.43
CA LYS B 322 8.80 3.46 34.82
C LYS B 322 8.08 4.20 33.67
N LEU B 323 8.62 4.13 32.46
CA LEU B 323 8.02 4.77 31.32
C LEU B 323 6.91 3.91 30.68
N GLN B 324 6.74 2.65 31.10
CA GLN B 324 5.70 1.83 30.55
C GLN B 324 4.25 2.45 30.48
N PRO B 325 3.78 3.09 31.55
CA PRO B 325 2.45 3.74 31.47
C PRO B 325 2.31 4.83 30.40
N GLN B 326 3.40 5.53 30.12
CA GLN B 326 3.41 6.51 29.04
C GLN B 326 3.42 5.83 27.65
N PHE B 327 4.14 4.73 27.51
CA PHE B 327 4.12 3.95 26.23
C PHE B 327 2.68 3.50 25.88
N GLY B 328 1.93 3.06 26.89
CA GLY B 328 0.52 2.78 26.74
C GLY B 328 -0.29 4.01 26.38
N ALA B 329 0.04 5.11 27.03
CA ALA B 329 -0.69 6.36 26.85
C ALA B 329 -0.64 6.84 25.41
N VAL B 330 0.57 6.76 24.84
CA VAL B 330 0.73 7.17 23.45
C VAL B 330 0.06 6.21 22.47
N LYS B 331 0.05 4.91 22.77
CA LYS B 331 -0.74 3.97 21.93
C LYS B 331 -2.24 4.32 21.91
N THR B 332 -2.81 4.54 23.09
CA THR B 332 -4.25 4.93 23.23
C THR B 332 -4.51 6.26 22.54
N LEU B 333 -3.60 7.23 22.75
CA LEU B 333 -3.73 8.54 22.05
C LEU B 333 -3.65 8.38 20.52
N ALA B 334 -2.59 7.73 20.05
CA ALA B 334 -2.28 7.72 18.65
C ALA B 334 -3.32 6.89 17.83
N THR B 335 -3.75 5.73 18.32
CA THR B 335 -4.68 4.86 17.60
C THR B 335 -6.10 5.41 17.61
N ASN B 336 -6.58 5.87 18.76
CA ASN B 336 -7.82 6.63 18.76
C ASN B 336 -7.73 7.89 17.85
N ALA B 337 -6.65 8.67 18.01
CA ALA B 337 -6.45 9.86 17.17
C ALA B 337 -6.38 9.53 15.63
N ALA B 338 -5.78 8.40 15.29
CA ALA B 338 -5.72 7.93 13.93
C ALA B 338 -7.09 7.67 13.34
N ASN B 339 -7.95 7.02 14.12
CA ASN B 339 -9.35 6.80 13.73
C ASN B 339 -10.09 8.11 13.48
N GLN B 340 -9.83 9.07 14.36
CA GLN B 340 -10.50 10.40 14.25
C GLN B 340 -9.99 11.19 13.08
N VAL B 341 -8.69 11.13 12.82
CA VAL B 341 -8.13 11.82 11.65
C VAL B 341 -8.70 11.28 10.32
N VAL B 342 -8.84 9.97 10.18
CA VAL B 342 -9.34 9.34 8.97
C VAL B 342 -10.83 9.65 8.78
N ASP B 343 -11.57 9.56 9.89
CA ASP B 343 -12.96 10.02 9.96
C ASP B 343 -13.12 11.43 9.40
N LEU B 344 -12.33 12.38 9.90
CA LEU B 344 -12.41 13.77 9.42
C LEU B 344 -12.01 13.88 7.93
N ALA B 345 -10.93 13.16 7.53
CA ALA B 345 -10.48 13.10 6.14
C ALA B 345 -11.64 12.74 5.23
N MET B 346 -12.39 11.69 5.67
CA MET B 346 -13.57 11.22 4.95
C MET B 346 -14.66 12.25 4.87
N ARG B 347 -14.96 12.94 5.97
CA ARG B 347 -15.92 14.06 5.94
C ARG B 347 -15.52 15.19 5.02
N VAL B 348 -14.22 15.49 4.95
CA VAL B 348 -13.73 16.51 4.02
C VAL B 348 -13.99 16.12 2.56
N VAL B 349 -13.79 14.88 2.23
CA VAL B 349 -13.93 14.46 0.87
C VAL B 349 -15.38 14.20 0.52
N GLY B 350 -16.17 13.77 1.50
CA GLY B 350 -17.61 13.60 1.26
C GLY B 350 -18.04 12.21 0.81
N GLY B 351 -19.13 12.17 0.07
CA GLY B 351 -19.70 10.92 -0.49
C GLY B 351 -18.69 10.18 -1.35
N ARG B 352 -17.88 10.96 -2.06
CA ARG B 352 -16.74 10.41 -2.88
C ARG B 352 -15.77 9.54 -2.07
N SER B 353 -15.64 9.81 -0.77
CA SER B 353 -14.77 9.00 0.12
C SER B 353 -15.17 7.54 0.26
N LEU B 354 -16.41 7.19 -0.08
CA LEU B 354 -16.85 5.80 -0.01
C LEU B 354 -16.28 4.97 -1.18
N SER B 355 -15.91 5.64 -2.28
CA SER B 355 -15.50 4.97 -3.53
C SER B 355 -14.19 4.18 -3.34
N ARG B 356 -14.24 2.90 -3.74
CA ARG B 356 -13.06 2.01 -3.66
C ARG B 356 -11.95 2.39 -4.65
N ALA B 357 -12.25 3.25 -5.62
CA ALA B 357 -11.27 3.77 -6.57
C ALA B 357 -10.39 4.83 -5.94
N LEU B 358 -10.70 5.25 -4.72
CA LEU B 358 -9.75 6.08 -3.94
C LEU B 358 -9.22 5.27 -2.77
N PRO B 359 -8.01 5.59 -2.30
CA PRO B 359 -7.41 4.83 -1.20
C PRO B 359 -7.94 5.16 0.19
N LEU B 360 -8.79 6.19 0.28
CA LEU B 360 -9.22 6.73 1.56
C LEU B 360 -10.12 5.75 2.35
N GLU B 361 -11.08 5.11 1.69
CA GLU B 361 -11.83 4.05 2.36
C GLU B 361 -11.01 2.85 2.87
N ARG B 362 -9.95 2.47 2.18
CA ARG B 362 -9.03 1.46 2.74
C ARG B 362 -8.33 1.96 4.05
N TYR B 363 -7.94 3.23 4.10
CA TYR B 363 -7.38 3.81 5.34
C TYR B 363 -8.39 3.72 6.52
N TYR B 364 -9.65 4.03 6.27
CA TYR B 364 -10.73 3.90 7.25
C TYR B 364 -10.83 2.47 7.77
N ARG B 365 -10.67 1.51 6.88
CA ARG B 365 -10.75 0.10 7.29
C ARG B 365 -9.52 -0.30 8.06
N ASP B 366 -8.35 0.01 7.50
CA ASP B 366 -7.02 -0.34 8.08
C ASP B 366 -6.86 0.18 9.51
N VAL B 367 -7.28 1.41 9.73
CA VAL B 367 -6.93 2.13 10.98
C VAL B 367 -7.73 1.63 12.16
N ARG B 368 -8.83 1.00 11.87
CA ARG B 368 -9.62 0.34 12.89
C ARG B 368 -8.84 -0.69 13.74
N ALA B 369 -7.89 -1.42 13.09
CA ALA B 369 -7.18 -2.49 13.70
C ALA B 369 -6.39 -2.09 14.95
N GLY B 370 -5.88 -0.85 14.98
CA GLY B 370 -5.02 -0.41 16.10
C GLY B 370 -5.70 -0.43 17.47
N LEU B 371 -7.04 -0.42 17.46
CA LEU B 371 -7.79 -0.44 18.72
C LEU B 371 -7.67 -1.80 19.38
N HIS B 372 -7.31 -2.81 18.62
CA HIS B 372 -7.25 -4.15 19.18
C HIS B 372 -5.83 -4.75 19.21
N ASN B 373 -4.81 -3.96 18.91
CA ASN B 373 -3.43 -4.35 19.28
C ASN B 373 -3.19 -3.86 20.72
N PRO B 374 -2.25 -4.49 21.42
CA PRO B 374 -2.07 -4.11 22.85
C PRO B 374 -1.20 -2.86 23.03
N PRO B 375 -1.25 -2.19 24.18
CA PRO B 375 -2.15 -2.50 25.32
C PRO B 375 -3.57 -1.95 25.13
N MET B 376 -4.54 -2.53 25.81
CA MET B 376 -5.93 -2.07 25.66
C MET B 376 -6.16 -0.77 26.45
N ASP B 377 -7.05 0.06 25.89
CA ASP B 377 -7.38 1.39 26.43
C ASP B 377 -7.72 1.39 27.92
N ASP B 378 -8.57 0.46 28.37
CA ASP B 378 -8.94 0.40 29.80
C ASP B 378 -7.75 0.07 30.69
N VAL B 379 -6.82 -0.75 30.16
CA VAL B 379 -5.58 -1.09 30.86
C VAL B 379 -4.63 0.13 30.94
N VAL B 380 -4.58 0.91 29.86
CA VAL B 380 -3.75 2.10 29.75
C VAL B 380 -4.15 3.16 30.80
N TYR B 381 -5.45 3.45 30.85
CA TYR B 381 -5.97 4.39 31.84
C TYR B 381 -5.75 3.92 33.29
N ARG B 382 -6.06 2.67 33.55
CA ARG B 382 -5.79 2.05 34.86
C ARG B 382 -4.31 2.18 35.31
N ASN B 383 -3.39 1.83 34.41
CA ASN B 383 -1.96 1.93 34.72
C ASN B 383 -1.48 3.41 34.90
N LEU B 384 -1.97 4.31 34.05
CA LEU B 384 -1.75 5.73 34.22
C LEU B 384 -2.22 6.21 35.60
N ALA B 385 -3.43 5.81 35.98
CA ALA B 385 -3.99 6.15 37.28
C ALA B 385 -3.15 5.59 38.43
N LYS B 386 -2.70 4.34 38.29
CA LYS B 386 -1.92 3.68 39.34
C LYS B 386 -0.51 4.25 39.50
N ALA B 387 0.08 4.62 38.37
CA ALA B 387 1.36 5.33 38.37
C ALA B 387 1.26 6.73 39.03
N ALA B 388 0.18 7.46 38.76
CA ALA B 388 -0.02 8.76 39.37
C ALA B 388 -0.23 8.63 40.91
N LEU B 389 -0.99 7.61 41.31
CA LEU B 389 -1.19 7.30 42.73
C LEU B 389 0.14 6.90 43.43
N ALA B 390 1.01 6.18 42.70
CA ALA B 390 2.29 5.82 43.27
C ALA B 390 3.24 7.04 43.41
N ARG B 391 3.21 7.96 42.41
CA ARG B 391 4.01 9.21 42.49
C ARG B 391 3.65 10.10 43.71
N ARG B 392 2.35 10.28 43.94
CA ARG B 392 1.81 10.92 45.15
C ARG B 392 2.32 10.24 46.46
N ALA B 393 2.20 8.91 46.50
CA ALA B 393 2.68 8.07 47.61
C ALA B 393 4.18 8.24 47.87
N ALA B 394 5.00 8.26 46.81
CA ALA B 394 6.44 8.50 46.92
C ALA B 394 6.82 9.91 47.45
N GLY B 395 5.90 10.87 47.38
CA GLY B 395 6.07 12.17 48.03
C GLY B 395 6.06 12.04 49.56
N ALA C 1 -45.05 3.05 18.46
CA ALA C 1 -43.72 3.25 17.86
C ALA C 1 -42.68 2.91 18.90
N MET C 2 -41.47 2.55 18.44
CA MET C 2 -40.39 2.04 19.33
C MET C 2 -40.86 0.84 20.16
N TYR C 3 -41.59 -0.04 19.45
CA TYR C 3 -42.23 -1.22 20.03
C TYR C 3 -41.24 -2.18 20.68
N ASP C 4 -40.03 -2.26 20.14
CA ASP C 4 -38.98 -3.09 20.72
C ASP C 4 -38.66 -2.73 22.20
N ILE C 5 -38.79 -1.44 22.56
CA ILE C 5 -38.65 -0.96 23.95
C ILE C 5 -39.99 -1.01 24.69
N TYR C 6 -41.01 -0.38 24.08
CA TYR C 6 -42.26 -0.09 24.74
C TYR C 6 -43.41 -1.14 24.54
N GLY C 7 -43.13 -2.23 23.83
CA GLY C 7 -44.12 -3.26 23.55
C GLY C 7 -45.00 -2.99 22.34
N GLU C 8 -45.41 -4.07 21.66
CA GLU C 8 -46.35 -4.00 20.52
C GLU C 8 -47.83 -3.82 20.90
N ALA C 9 -48.20 -4.06 22.16
CA ALA C 9 -49.60 -3.93 22.63
C ALA C 9 -50.26 -2.57 22.29
N ALA C 10 -49.48 -1.49 22.39
CA ALA C 10 -49.96 -0.14 21.99
C ALA C 10 -50.56 -0.08 20.57
N LEU C 11 -49.91 -0.75 19.61
CA LEU C 11 -50.22 -0.66 18.17
C LEU C 11 -51.54 -1.33 17.76
N PRO C 12 -52.25 -0.75 16.76
CA PRO C 12 -53.51 -1.36 16.28
C PRO C 12 -53.31 -2.66 15.49
N ALA C 13 -54.39 -3.40 15.29
CA ALA C 13 -54.36 -4.68 14.61
C ALA C 13 -53.64 -4.61 13.26
N ASP C 14 -54.07 -3.67 12.42
CA ASP C 14 -53.62 -3.61 11.03
C ASP C 14 -52.17 -3.15 10.93
N VAL C 15 -51.70 -2.37 11.90
CA VAL C 15 -50.29 -1.99 12.00
C VAL C 15 -49.45 -3.19 12.41
N ARG C 16 -49.92 -3.96 13.37
CA ARG C 16 -49.23 -5.19 13.78
C ARG C 16 -49.10 -6.25 12.69
N GLU C 17 -50.14 -6.39 11.85
CA GLU C 17 -50.09 -7.23 10.65
C GLU C 17 -49.05 -6.72 9.66
N ARG C 18 -49.03 -5.40 9.39
CA ARG C 18 -48.04 -4.79 8.48
C ARG C 18 -46.60 -4.92 9.00
N LEU C 19 -46.46 -4.87 10.31
CA LEU C 19 -45.19 -5.08 10.98
C LEU C 19 -44.70 -6.56 10.88
N ARG C 20 -45.61 -7.51 10.94
CA ARG C 20 -45.23 -8.90 10.71
C ARG C 20 -44.63 -9.10 9.29
N ILE C 21 -45.24 -8.45 8.29
CA ILE C 21 -44.73 -8.42 6.92
C ILE C 21 -43.29 -7.83 6.84
N THR C 22 -43.10 -6.60 7.32
CA THR C 22 -41.79 -5.98 7.23
C THR C 22 -40.72 -6.72 8.01
N ARG C 23 -41.09 -7.35 9.13
CA ARG C 23 -40.16 -8.18 9.93
C ARG C 23 -39.76 -9.48 9.25
N ASP C 24 -40.71 -10.13 8.56
CA ASP C 24 -40.34 -11.23 7.65
C ASP C 24 -39.35 -10.82 6.54
N LEU C 25 -39.68 -9.74 5.82
CA LEU C 25 -38.86 -9.26 4.71
C LEU C 25 -37.48 -8.91 5.23
N ALA C 26 -37.44 -8.22 6.38
CA ALA C 26 -36.18 -7.90 7.01
C ALA C 26 -35.32 -9.17 7.24
N GLN C 27 -35.96 -10.20 7.76
CA GLN C 27 -35.26 -11.43 8.12
C GLN C 27 -34.70 -12.18 6.88
N ALA C 28 -35.46 -12.17 5.79
CA ALA C 28 -35.01 -12.66 4.48
C ALA C 28 -33.82 -11.86 3.96
N PHE C 29 -33.96 -10.53 3.95
CA PHE C 29 -32.89 -9.65 3.48
C PHE C 29 -31.63 -9.89 4.30
N HIS C 30 -31.80 -10.15 5.60
CA HIS C 30 -30.67 -10.39 6.50
C HIS C 30 -29.90 -11.63 6.11
N GLU C 31 -30.63 -12.71 5.82
CA GLU C 31 -30.00 -13.95 5.37
C GLU C 31 -29.20 -13.77 4.06
N ARG C 32 -29.73 -12.94 3.16
CA ARG C 32 -29.13 -12.69 1.87
C ARG C 32 -28.05 -11.57 1.86
N ALA C 33 -27.97 -10.75 2.91
CA ALA C 33 -27.08 -9.60 2.92
C ALA C 33 -25.59 -9.94 2.74
N PRO C 34 -25.06 -10.99 3.40
CA PRO C 34 -23.61 -11.27 3.31
C PRO C 34 -23.12 -11.48 1.89
N GLU C 35 -23.77 -12.36 1.14
CA GLU C 35 -23.38 -12.65 -0.26
C GLU C 35 -23.51 -11.39 -1.14
N HIS C 36 -24.58 -10.59 -0.96
CA HIS C 36 -24.80 -9.41 -1.85
C HIS C 36 -23.72 -8.35 -1.57
N ASP C 37 -23.42 -8.17 -0.30
CA ASP C 37 -22.33 -7.27 0.09
C ASP C 37 -20.97 -7.79 -0.43
N ARG C 38 -20.72 -9.10 -0.37
CA ARG C 38 -19.45 -9.65 -0.93
C ARG C 38 -19.34 -9.48 -2.44
N ALA C 39 -20.42 -9.73 -3.18
CA ALA C 39 -20.40 -9.59 -4.64
C ALA C 39 -20.52 -8.11 -5.09
N GLY C 40 -21.05 -7.24 -4.22
CA GLY C 40 -21.43 -5.88 -4.62
C GLY C 40 -22.49 -5.84 -5.72
N ASP C 41 -23.46 -6.75 -5.69
CA ASP C 41 -24.42 -6.86 -6.79
C ASP C 41 -25.75 -6.29 -6.28
N PHE C 42 -26.72 -6.18 -7.19
CA PHE C 42 -28.01 -5.65 -6.84
C PHE C 42 -28.96 -6.82 -6.50
N PRO C 43 -29.70 -6.71 -5.37
CA PRO C 43 -30.58 -7.77 -4.92
C PRO C 43 -31.99 -7.69 -5.55
N PHE C 44 -32.11 -8.21 -6.79
CA PHE C 44 -33.40 -8.21 -7.48
C PHE C 44 -34.49 -9.01 -6.74
N GLU C 45 -34.10 -10.09 -6.07
CA GLU C 45 -35.02 -10.90 -5.30
C GLU C 45 -35.65 -10.18 -4.09
N ASN C 46 -34.86 -9.29 -3.44
CA ASN C 46 -35.40 -8.43 -2.33
C ASN C 46 -36.46 -7.42 -2.86
N ILE C 47 -36.21 -6.86 -4.04
CA ILE C 47 -37.15 -5.96 -4.70
C ILE C 47 -38.47 -6.69 -5.11
N GLU C 48 -38.34 -7.92 -5.59
CA GLU C 48 -39.50 -8.76 -5.88
C GLU C 48 -40.34 -9.06 -4.65
N ASP C 49 -39.70 -9.29 -3.51
CA ASP C 49 -40.42 -9.47 -2.22
C ASP C 49 -41.19 -8.20 -1.82
N LEU C 50 -40.52 -7.06 -1.89
CA LEU C 50 -41.16 -5.79 -1.59
C LEU C 50 -42.40 -5.54 -2.48
N LYS C 51 -42.27 -5.81 -3.77
CA LYS C 51 -43.40 -5.70 -4.73
C LYS C 51 -44.57 -6.67 -4.48
N ALA C 52 -44.28 -7.91 -4.14
CA ALA C 52 -45.33 -8.93 -3.91
C ALA C 52 -45.97 -8.74 -2.55
N SER C 53 -45.24 -8.18 -1.56
CA SER C 53 -45.79 -7.89 -0.26
C SER C 53 -46.76 -6.69 -0.33
N GLY C 54 -46.72 -5.93 -1.42
CA GLY C 54 -47.45 -4.69 -1.50
C GLY C 54 -46.74 -3.47 -0.89
N TYR C 55 -45.60 -3.66 -0.23
CA TYR C 55 -44.93 -2.54 0.43
C TYR C 55 -44.74 -1.30 -0.47
N VAL C 56 -44.45 -1.51 -1.75
CA VAL C 56 -44.05 -0.41 -2.63
C VAL C 56 -45.17 0.62 -2.89
N ARG C 57 -46.43 0.20 -2.66
CA ARG C 57 -47.61 1.08 -2.76
C ARG C 57 -48.16 1.53 -1.41
N TRP C 58 -47.50 1.21 -0.31
CA TRP C 58 -47.98 1.62 1.06
C TRP C 58 -48.19 3.14 1.27
N THR C 59 -47.31 3.97 0.71
CA THR C 59 -47.47 5.43 0.80
C THR C 59 -48.28 6.10 -0.33
N VAL C 60 -48.69 5.35 -1.35
CA VAL C 60 -49.58 5.85 -2.40
C VAL C 60 -50.97 6.12 -1.79
N PRO C 61 -51.59 7.27 -2.12
CA PRO C 61 -52.86 7.53 -1.45
C PRO C 61 -53.90 6.41 -1.63
N VAL C 62 -54.85 6.39 -0.70
CA VAL C 62 -55.93 5.39 -0.69
C VAL C 62 -56.75 5.55 -1.96
N GLU C 63 -56.90 6.79 -2.46
CA GLU C 63 -57.71 7.04 -3.68
C GLU C 63 -57.13 6.45 -4.97
N TYR C 64 -55.86 6.02 -4.96
CA TYR C 64 -55.28 5.29 -6.11
C TYR C 64 -54.90 3.84 -5.81
N GLY C 65 -55.40 3.23 -4.73
CA GLY C 65 -55.12 1.82 -4.40
C GLY C 65 -53.90 1.60 -3.48
N GLY C 66 -53.39 2.70 -2.95
CA GLY C 66 -52.34 2.58 -1.95
C GLY C 66 -52.95 2.52 -0.55
N LEU C 67 -52.10 2.43 0.46
CA LEU C 67 -52.55 2.34 1.83
C LEU C 67 -52.55 3.71 2.50
N GLY C 68 -51.95 4.72 1.85
CA GLY C 68 -51.86 6.09 2.40
C GLY C 68 -51.16 6.24 3.75
N LEU C 69 -50.12 5.43 3.99
CA LEU C 69 -49.53 5.35 5.32
C LEU C 69 -48.85 6.61 5.82
N SER C 70 -49.01 6.83 7.11
CA SER C 70 -48.34 7.95 7.79
C SER C 70 -46.82 7.85 7.63
N LEU C 71 -46.19 9.00 7.71
CA LEU C 71 -44.74 9.09 7.77
C LEU C 71 -44.19 8.32 8.98
N GLU C 72 -44.83 8.51 10.16
CA GLU C 72 -44.44 7.80 11.39
C GLU C 72 -44.40 6.27 11.17
N GLU C 73 -45.46 5.71 10.59
CA GLU C 73 -45.46 4.27 10.35
C GLU C 73 -44.41 3.89 9.31
N MET C 74 -44.31 4.67 8.26
CA MET C 74 -43.33 4.43 7.22
C MET C 74 -41.91 4.35 7.83
N LEU C 75 -41.56 5.28 8.73
CA LEU C 75 -40.24 5.25 9.35
C LEU C 75 -40.01 3.97 10.15
N MET C 76 -41.06 3.49 10.78
CA MET C 76 -40.99 2.28 11.60
C MET C 76 -40.62 1.05 10.78
N HIS C 77 -41.25 0.92 9.62
CA HIS C 77 -40.97 -0.18 8.71
C HIS C 77 -39.58 -0.01 8.02
N GLN C 78 -39.25 1.21 7.59
CA GLN C 78 -37.90 1.50 7.12
C GLN C 78 -36.76 1.08 8.11
N GLU C 79 -37.03 1.27 9.40
CA GLU C 79 -36.08 0.96 10.48
C GLU C 79 -35.95 -0.56 10.62
N VAL C 80 -37.10 -1.25 10.57
CA VAL C 80 -37.14 -2.69 10.66
C VAL C 80 -36.38 -3.30 9.47
N LEU C 81 -36.62 -2.77 8.25
CA LEU C 81 -35.99 -3.23 7.01
C LEU C 81 -34.49 -3.03 7.03
N ALA C 82 -34.03 -1.86 7.54
CA ALA C 82 -32.62 -1.50 7.57
C ALA C 82 -31.85 -2.37 8.56
N LYS C 83 -32.53 -2.79 9.63
CA LYS C 83 -31.97 -3.70 10.60
C LYS C 83 -31.65 -5.09 9.97
N GLY C 84 -32.50 -5.53 9.02
CA GLY C 84 -32.18 -6.68 8.13
C GLY C 84 -31.02 -6.43 7.15
N ASP C 85 -31.16 -5.40 6.32
CA ASP C 85 -30.14 -5.01 5.33
C ASP C 85 -30.32 -3.52 4.95
N GLY C 86 -29.26 -2.73 5.19
CA GLY C 86 -29.31 -1.29 5.00
C GLY C 86 -29.32 -0.80 3.56
N SER C 87 -28.69 -1.52 2.64
CA SER C 87 -28.68 -1.10 1.23
C SER C 87 -30.11 -1.18 0.69
N THR C 88 -30.78 -2.31 0.91
CA THR C 88 -32.12 -2.50 0.39
C THR C 88 -33.08 -1.50 1.00
N ALA C 89 -33.00 -1.31 2.32
CA ALA C 89 -33.88 -0.39 3.04
C ALA C 89 -33.76 1.02 2.50
N LEU C 90 -32.52 1.50 2.40
CA LEU C 90 -32.27 2.84 1.87
C LEU C 90 -32.78 2.99 0.41
N ALA C 91 -32.51 2.02 -0.45
CA ALA C 91 -32.96 2.12 -1.83
C ALA C 91 -34.48 2.28 -1.95
N ILE C 92 -35.20 1.36 -1.33
CA ILE C 92 -36.67 1.42 -1.30
C ILE C 92 -37.22 2.61 -0.54
N GLY C 93 -36.46 3.12 0.44
CA GLY C 93 -36.89 4.32 1.17
C GLY C 93 -37.02 5.55 0.28
N TRP C 94 -36.11 5.69 -0.70
CA TRP C 94 -36.23 6.74 -1.71
C TRP C 94 -37.60 6.68 -2.42
N HIS C 95 -37.97 5.48 -2.87
CA HIS C 95 -39.24 5.23 -3.53
C HIS C 95 -40.43 5.61 -2.64
N VAL C 96 -40.57 4.89 -1.53
CA VAL C 96 -41.74 5.13 -0.66
C VAL C 96 -41.77 6.56 -0.09
N GLY C 97 -40.59 7.11 0.18
CA GLY C 97 -40.47 8.46 0.69
C GLY C 97 -40.85 9.53 -0.30
N ILE C 98 -40.32 9.40 -1.52
CA ILE C 98 -40.69 10.28 -2.62
C ILE C 98 -42.19 10.29 -2.90
N LEU C 99 -42.82 9.11 -2.88
CA LEU C 99 -44.27 9.02 -3.09
C LEU C 99 -45.07 9.75 -2.02
N LEU C 100 -44.57 9.66 -0.78
CA LEU C 100 -45.13 10.42 0.34
C LEU C 100 -44.87 11.90 0.15
N HIS C 101 -43.65 12.29 -0.20
CA HIS C 101 -43.38 13.68 -0.58
C HIS C 101 -44.42 14.18 -1.61
N LEU C 102 -44.67 13.44 -2.67
CA LEU C 102 -45.51 13.94 -3.75
C LEU C 102 -46.97 14.01 -3.30
N ARG C 103 -47.37 12.98 -2.52
CA ARG C 103 -48.68 12.90 -1.91
C ARG C 103 -49.00 14.09 -1.04
N GLU C 104 -48.04 14.41 -0.18
CA GLU C 104 -48.23 15.51 0.76
C GLU C 104 -48.00 16.89 0.15
N THR C 105 -47.31 16.99 -0.98
CA THR C 105 -47.05 18.33 -1.57
C THR C 105 -47.87 18.78 -2.80
N GLY C 106 -48.33 17.83 -3.60
CA GLY C 106 -48.86 18.14 -4.94
C GLY C 106 -47.79 18.74 -5.87
N ALA C 107 -46.55 18.28 -5.68
CA ALA C 107 -45.44 18.76 -6.46
C ALA C 107 -45.57 18.33 -7.88
N PHE C 108 -46.12 17.13 -8.11
CA PHE C 108 -46.42 16.67 -9.48
C PHE C 108 -47.69 17.33 -9.94
N PRO C 109 -47.79 17.64 -11.25
CA PRO C 109 -49.15 17.94 -11.79
C PRO C 109 -50.11 16.75 -11.59
N ASP C 110 -51.37 17.04 -11.30
CA ASP C 110 -52.38 16.02 -10.97
C ASP C 110 -52.40 14.84 -11.94
N GLU C 111 -52.38 15.14 -13.25
CA GLU C 111 -52.36 14.12 -14.29
C GLU C 111 -51.14 13.21 -14.16
N LEU C 112 -49.97 13.84 -14.07
CA LEU C 112 -48.67 13.12 -13.88
C LEU C 112 -48.59 12.31 -12.58
N PHE C 113 -49.05 12.87 -11.47
CA PHE C 113 -49.11 12.10 -10.21
C PHE C 113 -50.02 10.84 -10.32
N ARG C 114 -51.17 11.01 -10.97
CA ARG C 114 -52.15 9.91 -11.08
C ARG C 114 -51.65 8.81 -12.00
N MET C 115 -50.98 9.20 -13.09
CA MET C 115 -50.22 8.26 -13.95
C MET C 115 -49.09 7.50 -13.19
N VAL C 116 -48.29 8.22 -12.44
CA VAL C 116 -47.21 7.56 -11.71
C VAL C 116 -47.79 6.59 -10.68
N CYS C 117 -48.77 7.05 -9.90
CA CYS C 117 -49.41 6.21 -8.87
C CYS C 117 -50.10 4.95 -9.41
N GLU C 118 -50.72 5.05 -10.59
CA GLU C 118 -51.24 3.88 -11.28
C GLU C 118 -50.18 2.80 -11.52
N SER C 119 -49.07 3.20 -12.16
CA SER C 119 -47.99 2.25 -12.47
C SER C 119 -47.40 1.59 -11.19
N VAL C 120 -47.35 2.32 -10.09
CA VAL C 120 -46.88 1.74 -8.84
C VAL C 120 -47.83 0.68 -8.31
N VAL C 121 -49.10 1.04 -8.20
CA VAL C 121 -50.10 0.11 -7.72
C VAL C 121 -50.25 -1.08 -8.65
N LYS C 122 -50.37 -0.88 -9.96
CA LYS C 122 -50.82 -1.98 -10.87
C LYS C 122 -49.64 -2.72 -11.56
N GLU C 123 -48.48 -2.11 -11.60
CA GLU C 123 -47.30 -2.77 -12.17
C GLU C 123 -46.11 -2.86 -11.21
N GLY C 124 -46.23 -2.27 -10.01
CA GLY C 124 -45.10 -2.25 -9.12
C GLY C 124 -43.95 -1.35 -9.56
N ALA C 125 -44.25 -0.34 -10.39
CA ALA C 125 -43.22 0.60 -10.87
C ALA C 125 -42.54 1.36 -9.71
N LEU C 126 -41.22 1.50 -9.81
CA LEU C 126 -40.41 2.16 -8.82
C LEU C 126 -39.84 3.48 -9.35
N ILE C 127 -39.74 4.45 -8.44
CA ILE C 127 -39.28 5.79 -8.77
C ILE C 127 -38.18 6.25 -7.83
N ASN C 128 -37.28 7.07 -8.36
CA ASN C 128 -36.28 7.77 -7.55
C ASN C 128 -35.92 9.08 -8.19
N SER C 129 -35.31 9.97 -7.39
CA SER C 129 -34.74 11.22 -7.85
C SER C 129 -33.23 11.09 -8.08
N CYS C 130 -32.79 11.35 -9.33
CA CYS C 130 -31.36 11.27 -9.69
C CYS C 130 -30.91 12.66 -10.12
N ALA C 131 -30.33 13.38 -9.17
CA ALA C 131 -29.98 14.80 -9.34
C ALA C 131 -28.48 15.11 -9.10
N THR C 132 -27.77 14.25 -8.35
CA THR C 132 -26.36 14.49 -8.07
C THR C 132 -25.49 14.41 -9.39
N GLU C 133 -24.51 15.34 -9.48
CA GLU C 133 -23.48 15.33 -10.54
C GLU C 133 -22.14 15.67 -9.91
N PRO C 134 -21.06 15.24 -10.53
CA PRO C 134 -19.74 15.67 -9.98
C PRO C 134 -19.59 17.20 -9.85
N ALA C 135 -20.08 17.93 -10.87
CA ALA C 135 -19.87 19.38 -11.02
C ALA C 135 -20.58 20.23 -9.99
N THR C 136 -21.66 19.70 -9.44
CA THR C 136 -22.48 20.45 -8.47
C THR C 136 -22.20 20.09 -6.99
N GLY C 137 -21.70 18.87 -6.75
CA GLY C 137 -21.88 18.20 -5.49
C GLY C 137 -23.36 17.99 -5.09
N SER C 138 -23.62 18.04 -3.78
CA SER C 138 -24.96 17.78 -3.25
C SER C 138 -25.92 18.80 -3.88
N PRO C 139 -27.01 18.31 -4.45
CA PRO C 139 -28.02 19.27 -5.00
C PRO C 139 -28.56 20.24 -3.95
N SER C 140 -28.67 19.76 -2.72
CA SER C 140 -29.03 20.58 -1.56
C SER C 140 -28.18 21.89 -1.42
N ARG C 141 -26.97 21.91 -1.97
CA ARG C 141 -26.15 23.14 -1.98
C ARG C 141 -26.57 24.17 -3.05
N GLY C 142 -27.39 23.77 -4.01
CA GLY C 142 -28.06 24.71 -4.93
C GLY C 142 -27.42 24.89 -6.32
N GLY C 143 -26.39 24.11 -6.61
CA GLY C 143 -25.70 24.26 -7.87
C GLY C 143 -26.50 23.92 -9.11
N LYS C 144 -26.30 24.68 -10.17
CA LYS C 144 -27.07 24.45 -11.40
C LYS C 144 -26.48 23.21 -12.02
N PRO C 145 -27.30 22.18 -12.31
CA PRO C 145 -26.76 21.00 -12.99
C PRO C 145 -26.24 21.30 -14.43
N GLU C 146 -25.15 20.63 -14.83
CA GLU C 146 -24.66 20.70 -16.20
C GLU C 146 -25.47 19.85 -17.15
N THR C 147 -26.27 18.92 -16.61
CA THR C 147 -27.26 18.22 -17.42
C THR C 147 -28.18 19.26 -18.02
N THR C 148 -28.25 19.33 -19.34
CA THR C 148 -29.01 20.39 -19.99
C THR C 148 -30.27 19.83 -20.63
N ALA C 149 -31.31 20.67 -20.66
CA ALA C 149 -32.60 20.30 -21.19
C ALA C 149 -32.90 21.32 -22.25
N VAL C 150 -33.09 20.84 -23.48
CA VAL C 150 -33.30 21.73 -24.62
C VAL C 150 -34.73 21.56 -25.15
N LYS C 151 -35.42 22.67 -25.37
CA LYS C 151 -36.82 22.64 -25.80
C LYS C 151 -36.95 22.20 -27.28
N VAL C 152 -37.73 21.16 -27.54
CA VAL C 152 -38.02 20.67 -28.93
C VAL C 152 -39.56 20.64 -29.16
N PRO C 153 -40.03 20.09 -30.31
CA PRO C 153 -41.46 20.18 -30.56
C PRO C 153 -42.33 19.52 -29.50
N GLY C 154 -42.11 18.25 -29.21
CA GLY C 154 -42.91 17.55 -28.18
C GLY C 154 -42.64 17.95 -26.73
N GLY C 155 -41.40 18.30 -26.42
CA GLY C 155 -41.04 18.55 -25.00
C GLY C 155 -39.62 19.02 -24.79
N TYR C 156 -38.75 18.11 -24.36
CA TYR C 156 -37.36 18.44 -24.02
C TYR C 156 -36.40 17.29 -24.31
N ARG C 157 -35.24 17.60 -24.88
CA ARG C 157 -34.18 16.61 -25.04
C ARG C 157 -33.21 16.81 -23.89
N ILE C 158 -33.07 15.80 -23.05
CA ILE C 158 -32.14 15.83 -21.94
C ILE C 158 -30.82 15.11 -22.31
N THR C 159 -29.70 15.80 -22.09
CA THR C 159 -28.36 15.25 -22.29
C THR C 159 -27.46 15.58 -21.07
N GLY C 160 -26.88 14.55 -20.48
CA GLY C 160 -26.06 14.71 -19.29
C GLY C 160 -25.72 13.40 -18.61
N ARG C 161 -25.22 13.52 -17.37
CA ARG C 161 -24.82 12.37 -16.57
C ARG C 161 -25.01 12.62 -15.08
N LYS C 162 -25.65 11.66 -14.41
CA LYS C 162 -25.94 11.73 -12.96
C LYS C 162 -25.24 10.57 -12.26
N THR C 163 -24.74 10.85 -11.06
CA THR C 163 -24.09 9.87 -10.18
C THR C 163 -24.92 9.58 -8.93
N PHE C 164 -24.56 8.50 -8.25
CA PHE C 164 -25.26 7.98 -7.07
C PHE C 164 -26.73 7.74 -7.40
N SER C 165 -27.01 7.08 -8.51
CA SER C 165 -28.39 6.84 -8.94
C SER C 165 -28.99 5.57 -8.29
N THR C 166 -29.37 5.72 -7.02
CA THR C 166 -29.83 4.61 -6.17
C THR C 166 -31.07 3.98 -6.77
N LEU C 167 -31.16 2.66 -6.64
CA LEU C 167 -32.28 1.82 -7.15
C LEU C 167 -32.31 1.66 -8.67
N SER C 168 -31.29 2.18 -9.38
CA SER C 168 -31.38 2.33 -10.83
C SER C 168 -31.58 1.07 -11.63
N PRO C 169 -31.05 -0.10 -11.23
CA PRO C 169 -31.29 -1.34 -11.97
C PRO C 169 -32.75 -1.78 -12.02
N ALA C 170 -33.51 -1.42 -10.98
CA ALA C 170 -34.90 -1.79 -10.77
C ALA C 170 -35.91 -0.61 -10.93
N LEU C 171 -35.44 0.54 -11.43
CA LEU C 171 -36.30 1.69 -11.61
C LEU C 171 -37.16 1.60 -12.88
N THR C 172 -38.36 2.13 -12.78
CA THR C 172 -39.16 2.44 -13.93
C THR C 172 -39.08 3.92 -14.28
N TRP C 173 -39.21 4.76 -13.26
CA TRP C 173 -39.29 6.22 -13.42
C TRP C 173 -38.09 6.89 -12.71
N ILE C 174 -37.51 7.89 -13.34
CA ILE C 174 -36.40 8.61 -12.76
C ILE C 174 -36.67 10.09 -12.89
N MET C 175 -36.75 10.79 -11.77
CA MET C 175 -36.81 12.24 -11.83
C MET C 175 -35.37 12.74 -11.98
N VAL C 176 -35.16 13.61 -12.96
CA VAL C 176 -33.84 14.07 -13.32
C VAL C 176 -33.86 15.59 -13.39
N THR C 177 -32.98 16.25 -12.62
CA THR C 177 -32.86 17.70 -12.68
C THR C 177 -31.91 18.11 -13.79
N ALA C 178 -32.25 19.19 -14.50
CA ALA C 178 -31.47 19.66 -15.62
C ALA C 178 -31.66 21.16 -15.80
N THR C 179 -30.63 21.85 -16.28
CA THR C 179 -30.72 23.29 -16.58
C THR C 179 -31.22 23.47 -18.02
N VAL C 180 -32.22 24.31 -18.22
CA VAL C 180 -32.74 24.54 -19.57
C VAL C 180 -31.77 25.51 -20.28
N ALA C 181 -31.21 25.06 -21.42
CA ALA C 181 -30.00 25.64 -22.00
C ALA C 181 -30.11 27.12 -22.30
N ASP C 182 -31.11 27.46 -23.11
CA ASP C 182 -31.30 28.81 -23.63
C ASP C 182 -31.73 29.82 -22.55
N GLU C 183 -32.53 29.37 -21.58
CA GLU C 183 -33.20 30.27 -20.63
C GLU C 183 -32.49 30.48 -19.28
N ASP C 184 -31.56 29.58 -18.94
CA ASP C 184 -30.82 29.61 -17.66
C ASP C 184 -31.73 29.48 -16.42
N VAL C 185 -32.47 28.37 -16.38
CA VAL C 185 -33.27 28.01 -15.21
C VAL C 185 -33.18 26.50 -15.06
N VAL C 186 -33.39 26.05 -13.85
CA VAL C 186 -33.35 24.63 -13.56
C VAL C 186 -34.76 24.10 -13.72
N GLY C 187 -34.86 22.87 -14.23
CA GLY C 187 -36.12 22.11 -14.32
C GLY C 187 -35.95 20.66 -13.87
N GLN C 188 -37.04 20.04 -13.44
CA GLN C 188 -37.06 18.62 -13.12
C GLN C 188 -37.95 17.91 -14.10
N PHE C 189 -37.57 16.68 -14.45
CA PHE C 189 -38.12 15.94 -15.61
C PHE C 189 -38.26 14.45 -15.29
N LEU C 190 -39.41 13.88 -15.61
CA LEU C 190 -39.69 12.47 -15.34
C LEU C 190 -39.29 11.64 -16.54
N VAL C 191 -38.19 10.89 -16.38
CA VAL C 191 -37.61 10.08 -17.46
C VAL C 191 -37.92 8.59 -17.22
N ARG C 192 -38.23 7.86 -18.29
CA ARG C 192 -38.31 6.41 -18.21
C ARG C 192 -36.90 5.79 -18.12
N LYS C 193 -36.78 4.78 -17.27
CA LYS C 193 -35.55 4.00 -17.13
C LYS C 193 -35.05 3.41 -18.46
N GLU C 194 -35.97 2.97 -19.30
CA GLU C 194 -35.61 2.39 -20.57
C GLU C 194 -34.80 3.35 -21.48
N ASP C 195 -35.02 4.67 -21.37
CA ASP C 195 -34.31 5.65 -22.21
C ASP C 195 -32.91 6.10 -21.70
N VAL C 196 -32.43 5.56 -20.59
CA VAL C 196 -31.12 5.94 -20.06
C VAL C 196 -30.16 4.76 -20.11
N GLU C 197 -28.86 5.06 -20.11
CA GLU C 197 -27.82 4.03 -20.06
C GLU C 197 -27.21 4.05 -18.66
N ILE C 198 -27.48 2.99 -17.88
CA ILE C 198 -26.74 2.71 -16.67
C ILE C 198 -25.29 2.26 -17.00
N VAL C 199 -24.32 3.04 -16.52
CA VAL C 199 -22.89 2.65 -16.49
C VAL C 199 -22.58 2.17 -15.06
N GLU C 200 -22.14 0.93 -14.89
CA GLU C 200 -22.09 0.28 -13.58
C GLU C 200 -20.84 0.71 -12.85
N THR C 201 -20.94 1.86 -12.16
CA THR C 201 -19.81 2.49 -11.50
C THR C 201 -19.73 2.30 -10.01
N TRP C 202 -20.82 1.88 -9.38
CA TRP C 202 -20.98 1.82 -7.92
C TRP C 202 -20.14 0.72 -7.34
N ASP C 203 -19.08 1.14 -6.60
CA ASP C 203 -18.11 0.21 -6.01
C ASP C 203 -17.57 0.90 -4.76
N THR C 204 -18.21 0.58 -3.65
CA THR C 204 -18.13 1.37 -2.49
C THR C 204 -17.80 0.56 -1.27
N LEU C 205 -17.46 1.33 -0.24
CA LEU C 205 -17.13 0.81 1.09
C LEU C 205 -18.33 0.09 1.68
N GLY C 206 -19.45 0.82 1.75
CA GLY C 206 -20.71 0.29 2.25
C GLY C 206 -21.90 0.64 1.37
N MET C 207 -23.10 0.19 1.78
CA MET C 207 -24.32 0.29 0.98
C MET C 207 -24.05 -0.22 -0.43
N ARG C 208 -23.33 -1.35 -0.50
CA ARG C 208 -22.78 -1.88 -1.75
C ARG C 208 -23.86 -2.43 -2.64
N ALA C 209 -25.00 -2.77 -2.04
CA ALA C 209 -26.16 -3.31 -2.79
C ALA C 209 -27.24 -2.29 -3.18
N THR C 210 -26.97 -0.98 -3.04
CA THR C 210 -27.99 0.02 -3.44
C THR C 210 -28.16 0.24 -4.94
N GLY C 211 -27.24 -0.26 -5.76
CA GLY C 211 -27.29 -0.07 -7.20
C GLY C 211 -27.17 1.40 -7.62
N SER C 212 -26.40 2.20 -6.84
CA SER C 212 -26.31 3.65 -7.04
C SER C 212 -25.25 4.02 -8.12
N HIS C 213 -25.52 3.60 -9.36
CA HIS C 213 -24.57 3.72 -10.50
C HIS C 213 -24.64 5.08 -11.12
N ASP C 214 -23.98 5.27 -12.27
CA ASP C 214 -24.14 6.48 -13.07
C ASP C 214 -25.31 6.22 -14.00
N ILE C 215 -26.05 7.26 -14.37
CA ILE C 215 -26.95 7.19 -15.51
C ILE C 215 -26.54 8.24 -16.54
N VAL C 216 -26.42 7.80 -17.81
CA VAL C 216 -26.09 8.67 -18.93
C VAL C 216 -27.35 8.88 -19.76
N LEU C 217 -27.63 10.14 -20.08
CA LEU C 217 -28.75 10.55 -20.91
C LEU C 217 -28.14 11.19 -22.14
N LYS C 218 -28.48 10.65 -23.32
CA LYS C 218 -28.01 11.18 -24.59
C LYS C 218 -29.25 11.49 -25.39
N ASP C 219 -29.53 12.78 -25.58
CA ASP C 219 -30.67 13.29 -26.38
C ASP C 219 -31.98 12.59 -25.99
N VAL C 220 -32.21 12.42 -24.69
CA VAL C 220 -33.39 11.67 -24.21
C VAL C 220 -34.65 12.55 -24.24
N PHE C 221 -35.69 12.04 -24.88
CA PHE C 221 -36.91 12.82 -25.05
C PHE C 221 -37.75 12.70 -23.79
N VAL C 222 -38.27 13.84 -23.34
CA VAL C 222 -39.29 13.89 -22.27
C VAL C 222 -40.49 14.67 -22.84
N PRO C 223 -41.65 14.02 -22.96
CA PRO C 223 -42.80 14.75 -23.49
C PRO C 223 -43.31 15.77 -22.47
N GLU C 224 -43.96 16.81 -22.99
CA GLU C 224 -44.41 17.94 -22.18
C GLU C 224 -45.14 17.46 -20.90
N GLU C 225 -45.93 16.39 -21.04
CA GLU C 225 -46.77 15.86 -19.95
C GLU C 225 -45.96 15.32 -18.78
N ARG C 226 -44.74 14.86 -19.09
CA ARG C 226 -43.80 14.38 -18.06
C ARG C 226 -42.77 15.42 -17.54
N VAL C 227 -42.99 16.70 -17.83
CA VAL C 227 -42.20 17.80 -17.29
C VAL C 227 -42.82 18.15 -15.93
N ILE C 228 -42.04 18.02 -14.87
CA ILE C 228 -42.53 18.14 -13.50
C ILE C 228 -42.70 19.60 -13.11
N VAL C 229 -41.65 20.38 -13.33
CA VAL C 229 -41.62 21.82 -13.03
C VAL C 229 -40.44 22.47 -13.75
N ILE C 230 -40.56 23.77 -14.04
CA ILE C 230 -39.43 24.57 -14.50
C ILE C 230 -39.41 25.83 -13.63
N GLN C 231 -38.42 25.93 -12.74
CA GLN C 231 -38.39 26.97 -11.72
C GLN C 231 -37.99 28.33 -12.30
N ARG C 232 -38.97 29.02 -12.86
CA ARG C 232 -38.80 30.39 -13.38
C ARG C 232 -38.93 31.43 -12.25
N PRO C 233 -38.82 32.74 -12.57
CA PRO C 233 -39.10 33.75 -11.55
C PRO C 233 -40.57 33.80 -11.15
N GLY C 234 -40.85 33.52 -9.88
CA GLY C 234 -42.21 33.57 -9.32
C GLY C 234 -42.99 32.30 -9.58
N VAL C 235 -42.53 31.19 -9.02
CA VAL C 235 -43.25 29.91 -9.11
C VAL C 235 -42.93 29.02 -7.91
N GLN C 236 -43.98 28.40 -7.36
CA GLN C 236 -43.84 27.41 -6.32
C GLN C 236 -43.83 26.01 -6.95
N ALA C 237 -42.88 25.18 -6.53
CA ALA C 237 -42.88 23.76 -6.90
C ALA C 237 -44.01 23.06 -6.16
N GLU C 238 -44.04 23.22 -4.84
CA GLU C 238 -44.97 22.51 -3.96
C GLU C 238 -46.21 23.37 -3.67
N ARG C 239 -47.38 22.90 -4.12
CA ARG C 239 -48.64 23.59 -3.82
C ARG C 239 -48.96 23.57 -2.31
N ARG C 240 -48.53 22.52 -1.60
CA ARG C 240 -48.60 22.45 -0.14
C ARG C 240 -47.24 22.01 0.40
N PRO C 241 -46.38 22.98 0.83
CA PRO C 241 -45.05 22.65 1.39
C PRO C 241 -45.12 21.57 2.45
N ASP C 242 -44.16 20.65 2.45
CA ASP C 242 -44.00 19.65 3.50
C ASP C 242 -42.73 19.83 4.39
N GLY C 243 -42.02 20.94 4.18
CA GLY C 243 -40.72 21.12 4.87
C GLY C 243 -39.71 19.98 4.75
N SER C 244 -39.78 19.23 3.65
CA SER C 244 -38.89 18.07 3.41
C SER C 244 -38.94 16.97 4.49
N GLY C 245 -40.10 16.79 5.14
CA GLY C 245 -40.21 15.81 6.23
C GLY C 245 -39.98 14.35 5.84
N TRP C 246 -40.29 14.01 4.58
CA TRP C 246 -40.05 12.69 4.01
C TRP C 246 -38.58 12.27 4.05
N LEU C 247 -37.67 13.24 3.98
CA LEU C 247 -36.23 12.96 4.19
C LEU C 247 -35.89 12.35 5.53
N LEU C 248 -36.77 12.38 6.51
CA LEU C 248 -36.62 11.50 7.68
C LEU C 248 -36.41 9.98 7.44
N HIS C 249 -36.71 9.46 6.24
CA HIS C 249 -36.41 8.04 5.93
C HIS C 249 -34.94 7.73 6.09
N ILE C 250 -34.08 8.74 5.85
CA ILE C 250 -32.61 8.64 6.03
C ILE C 250 -32.20 8.30 7.46
N PRO C 251 -32.45 9.22 8.44
CA PRO C 251 -32.20 8.79 9.82
C PRO C 251 -32.81 7.42 10.24
N ALA C 252 -34.02 7.07 9.76
CA ALA C 252 -34.65 5.83 10.17
C ALA C 252 -33.80 4.64 9.70
N CYS C 253 -33.23 4.72 8.50
CA CYS C 253 -32.49 3.62 7.94
C CYS C 253 -31.18 3.44 8.72
N TYR C 254 -30.42 4.53 8.91
CA TYR C 254 -29.16 4.44 9.66
C TYR C 254 -29.30 4.10 11.16
N LEU C 255 -30.38 4.51 11.81
CA LEU C 255 -30.71 3.91 13.12
C LEU C 255 -31.00 2.37 13.07
N GLY C 256 -31.75 1.95 12.05
CA GLY C 256 -31.96 0.51 11.83
C GLY C 256 -30.68 -0.30 11.81
N ILE C 257 -29.66 0.21 11.12
CA ILE C 257 -28.35 -0.47 11.03
C ILE C 257 -27.66 -0.47 12.41
N ALA C 258 -27.72 0.67 13.10
CA ALA C 258 -27.20 0.77 14.50
C ALA C 258 -27.81 -0.25 15.48
N LEU C 259 -29.13 -0.42 15.42
CA LEU C 259 -29.84 -1.43 16.25
C LEU C 259 -29.36 -2.86 15.99
N ALA C 260 -29.16 -3.17 14.73
CA ALA C 260 -28.53 -4.47 14.33
C ALA C 260 -27.13 -4.62 15.01
N ALA C 261 -26.31 -3.60 14.93
CA ALA C 261 -25.00 -3.60 15.58
C ALA C 261 -25.10 -3.77 17.08
N ARG C 262 -25.96 -2.94 17.72
CA ARG C 262 -26.16 -3.06 19.12
C ARG C 262 -26.58 -4.49 19.49
N ASP C 263 -27.60 -5.00 18.81
CA ASP C 263 -28.09 -6.38 19.04
C ASP C 263 -26.97 -7.45 18.94
N PHE C 264 -26.06 -7.32 17.97
CA PHE C 264 -24.97 -8.28 17.83
C PHE C 264 -23.99 -8.23 19.01
N ALA C 265 -23.56 -7.03 19.34
CA ALA C 265 -22.59 -6.85 20.42
C ALA C 265 -23.16 -7.27 21.81
N LEU C 266 -24.46 -7.03 22.01
CA LEU C 266 -25.14 -7.44 23.22
C LEU C 266 -25.19 -8.98 23.33
N GLU C 267 -25.59 -9.62 22.26
CA GLU C 267 -25.62 -11.06 22.15
C GLU C 267 -24.20 -11.62 22.42
N TYR C 268 -23.19 -11.01 21.77
CA TYR C 268 -21.79 -11.41 21.88
C TYR C 268 -21.26 -11.21 23.31
N ALA C 269 -21.43 -10.00 23.84
CA ALA C 269 -21.02 -9.72 25.21
C ALA C 269 -21.67 -10.63 26.25
N ALA C 270 -22.97 -10.91 26.05
CA ALA C 270 -23.74 -11.81 26.92
C ALA C 270 -23.19 -13.25 26.99
N THR C 271 -22.60 -13.71 25.90
CA THR C 271 -22.16 -15.08 25.78
C THR C 271 -20.65 -15.29 25.79
N TYR C 272 -19.85 -14.27 25.48
CA TYR C 272 -18.39 -14.46 25.38
C TYR C 272 -17.75 -14.41 26.76
N ARG C 273 -17.08 -15.49 27.13
CA ARG C 273 -16.37 -15.56 28.39
C ARG C 273 -14.97 -16.10 28.22
N PRO C 274 -13.96 -15.24 28.23
CA PRO C 274 -12.57 -15.72 28.18
C PRO C 274 -12.14 -16.36 29.51
N ASN C 275 -11.01 -17.07 29.51
CA ASN C 275 -10.58 -17.81 30.72
C ASN C 275 -9.96 -16.89 31.78
N THR C 276 -9.99 -15.58 31.51
CA THR C 276 -9.59 -14.57 32.49
C THR C 276 -10.73 -14.05 33.38
N LEU C 277 -11.95 -14.54 33.18
CA LEU C 277 -13.07 -13.99 33.91
C LEU C 277 -13.99 -15.09 34.44
N PRO C 278 -14.68 -14.84 35.59
CA PRO C 278 -15.68 -15.77 36.11
C PRO C 278 -17.08 -15.57 35.51
N HIS C 279 -17.23 -14.57 34.65
CA HIS C 279 -18.52 -14.15 34.07
C HIS C 279 -18.31 -13.69 32.62
N PRO C 280 -19.40 -13.55 31.84
CA PRO C 280 -19.20 -12.97 30.51
C PRO C 280 -18.78 -11.48 30.50
N ILE C 281 -18.25 -11.03 29.37
CA ILE C 281 -17.73 -9.68 29.25
C ILE C 281 -18.81 -8.60 29.39
N ALA C 282 -20.08 -8.97 29.22
CA ALA C 282 -21.20 -8.07 29.55
C ALA C 282 -21.15 -7.48 30.99
N GLU C 283 -20.59 -8.23 31.94
CA GLU C 283 -20.44 -7.81 33.33
C GLU C 283 -19.09 -7.10 33.64
N VAL C 284 -18.20 -6.97 32.65
CA VAL C 284 -16.98 -6.19 32.83
C VAL C 284 -17.38 -4.68 32.80
N PRO C 285 -16.88 -3.85 33.75
CA PRO C 285 -17.29 -2.40 33.84
C PRO C 285 -17.18 -1.57 32.58
N HIS C 286 -16.03 -1.62 31.89
CA HIS C 286 -15.88 -0.85 30.70
C HIS C 286 -16.81 -1.31 29.54
N VAL C 287 -17.07 -2.61 29.47
CA VAL C 287 -17.95 -3.17 28.44
C VAL C 287 -19.41 -2.75 28.74
N GLU C 288 -19.77 -2.86 30.02
CA GLU C 288 -21.07 -2.43 30.53
C GLU C 288 -21.31 -0.99 30.18
N GLN C 289 -20.33 -0.10 30.42
CA GLN C 289 -20.46 1.34 30.13
C GLN C 289 -20.70 1.57 28.63
N LYS C 290 -19.95 0.87 27.78
CA LYS C 290 -20.14 0.98 26.29
C LYS C 290 -21.52 0.54 25.84
N LEU C 291 -21.94 -0.58 26.40
CA LEU C 291 -23.31 -1.09 26.19
C LEU C 291 -24.37 -0.03 26.58
N GLY C 292 -24.18 0.56 27.74
CA GLY C 292 -25.10 1.58 28.24
C GLY C 292 -25.12 2.86 27.43
N GLU C 293 -23.96 3.24 26.94
CA GLU C 293 -23.84 4.38 26.03
C GLU C 293 -24.59 4.19 24.73
N MET C 294 -24.41 3.04 24.09
CA MET C 294 -25.13 2.67 22.86
C MET C 294 -26.64 2.86 23.14
N GLU C 295 -27.10 2.35 24.28
CA GLU C 295 -28.51 2.46 24.67
C GLU C 295 -29.02 3.90 24.78
N LEU C 296 -28.20 4.76 25.35
CA LEU C 296 -28.59 6.17 25.50
C LEU C 296 -28.66 6.85 24.13
N LYS C 297 -27.65 6.59 23.28
CA LYS C 297 -27.64 7.20 21.94
C LYS C 297 -28.87 6.83 21.10
N LEU C 298 -29.26 5.57 21.14
CA LEU C 298 -30.39 5.09 20.37
C LEU C 298 -31.70 5.73 20.93
N LEU C 299 -31.82 5.71 22.25
CA LEU C 299 -33.00 6.21 22.94
C LEU C 299 -33.29 7.64 22.52
N ALA C 300 -32.28 8.47 22.67
CA ALA C 300 -32.40 9.87 22.38
C ALA C 300 -32.75 10.17 20.91
N ALA C 301 -31.98 9.54 19.99
CA ALA C 301 -32.13 9.78 18.55
C ALA C 301 -33.43 9.20 18.01
N ARG C 302 -33.76 7.98 18.40
CA ARG C 302 -35.01 7.39 17.95
C ARG C 302 -36.26 8.10 18.53
N THR C 303 -36.20 8.44 19.82
CA THR C 303 -37.32 9.18 20.46
C THR C 303 -37.58 10.44 19.65
N LEU C 304 -36.47 11.12 19.27
CA LEU C 304 -36.58 12.38 18.55
C LEU C 304 -37.17 12.16 17.15
N LEU C 305 -36.62 11.14 16.51
CA LEU C 305 -37.10 10.73 15.18
C LEU C 305 -38.62 10.52 15.10
N TYR C 306 -39.14 9.65 15.97
CA TYR C 306 -40.56 9.32 15.96
C TYR C 306 -41.46 10.45 16.48
N ASP C 307 -40.98 11.23 17.44
CA ASP C 307 -41.68 12.45 17.92
C ASP C 307 -41.92 13.44 16.75
N LEU C 308 -40.88 13.64 15.94
CA LEU C 308 -40.94 14.56 14.82
C LEU C 308 -41.82 14.06 13.62
N ALA C 309 -41.69 12.77 13.29
CA ALA C 309 -42.60 12.11 12.38
C ALA C 309 -44.08 12.28 12.82
N ARG C 310 -44.34 12.03 14.10
CA ARG C 310 -45.71 12.11 14.68
C ARG C 310 -46.22 13.54 14.58
N ARG C 311 -45.38 14.55 14.84
CA ARG C 311 -45.75 15.96 14.60
C ARG C 311 -45.94 16.31 13.13
N PHE C 312 -45.07 15.78 12.27
CA PHE C 312 -45.22 15.97 10.84
C PHE C 312 -46.64 15.53 10.39
N ASP C 313 -47.05 14.31 10.74
CA ASP C 313 -48.37 13.75 10.34
C ASP C 313 -49.55 14.61 10.84
N ALA C 314 -49.41 15.25 12.01
CA ALA C 314 -50.50 16.13 12.53
C ALA C 314 -50.43 17.58 11.98
N ALA C 315 -49.28 18.00 11.43
CA ALA C 315 -49.04 19.41 11.12
C ALA C 315 -49.61 19.86 9.77
N SER C 316 -50.08 21.13 9.74
CA SER C 316 -50.45 21.85 8.50
C SER C 316 -49.20 22.18 7.68
N PRO C 317 -49.37 22.50 6.37
CA PRO C 317 -48.22 22.81 5.52
C PRO C 317 -47.33 23.98 5.99
N GLU C 318 -47.91 24.92 6.72
CA GLU C 318 -47.19 26.06 7.30
C GLU C 318 -46.34 25.59 8.48
N GLU C 319 -46.97 24.80 9.35
CA GLU C 319 -46.26 24.22 10.51
C GLU C 319 -45.17 23.25 10.04
N ARG C 320 -45.39 22.50 8.94
CA ARG C 320 -44.31 21.59 8.39
C ARG C 320 -43.06 22.35 7.89
N VAL C 321 -43.24 23.54 7.31
CA VAL C 321 -42.11 24.43 6.93
C VAL C 321 -41.26 24.88 8.13
N LYS C 322 -41.93 25.29 9.21
CA LYS C 322 -41.32 25.62 10.49
C LYS C 322 -40.58 24.48 11.22
N LEU C 323 -40.95 23.23 10.96
CA LEU C 323 -40.29 22.07 11.57
C LEU C 323 -39.05 21.66 10.78
N GLN C 324 -38.83 22.23 9.60
CA GLN C 324 -37.74 21.76 8.74
C GLN C 324 -36.35 21.71 9.42
N PRO C 325 -35.98 22.75 10.19
CA PRO C 325 -34.72 22.71 10.94
C PRO C 325 -34.60 21.53 11.91
N GLN C 326 -35.70 21.15 12.55
CA GLN C 326 -35.70 19.98 13.45
C GLN C 326 -35.55 18.68 12.67
N PHE C 327 -36.14 18.61 11.47
CA PHE C 327 -35.99 17.41 10.61
C PHE C 327 -34.50 17.20 10.26
N GLY C 328 -33.80 18.28 9.95
CA GLY C 328 -32.34 18.28 9.79
C GLY C 328 -31.59 17.86 11.06
N ALA C 329 -32.03 18.42 12.18
CA ALA C 329 -31.41 18.14 13.46
C ALA C 329 -31.39 16.66 13.81
N VAL C 330 -32.51 15.99 13.54
CA VAL C 330 -32.59 14.57 13.83
C VAL C 330 -31.80 13.73 12.85
N LYS C 331 -31.76 14.12 11.58
CA LYS C 331 -30.79 13.50 10.66
C LYS C 331 -29.30 13.55 11.16
N THR C 332 -28.88 14.75 11.53
CA THR C 332 -27.45 14.97 12.01
C THR C 332 -27.21 14.19 13.28
N LEU C 333 -28.20 14.24 14.21
CA LEU C 333 -28.13 13.48 15.44
C LEU C 333 -28.05 11.98 15.16
N ALA C 334 -29.06 11.46 14.45
CA ALA C 334 -29.21 10.03 14.28
C ALA C 334 -28.06 9.40 13.46
N THR C 335 -27.61 10.04 12.38
CA THR C 335 -26.53 9.48 11.52
C THR C 335 -25.17 9.54 12.19
N ASN C 336 -24.83 10.65 12.81
CA ASN C 336 -23.65 10.68 13.69
C ASN C 336 -23.75 9.67 14.86
N ALA C 337 -24.91 9.65 15.51
CA ALA C 337 -25.14 8.69 16.59
C ALA C 337 -25.04 7.21 16.15
N ALA C 338 -25.52 6.93 14.95
CA ALA C 338 -25.44 5.63 14.38
C ALA C 338 -23.96 5.20 14.17
N ASN C 339 -23.13 6.09 13.65
CA ASN C 339 -21.69 5.79 13.50
C ASN C 339 -21.06 5.51 14.85
N GLN C 340 -21.44 6.31 15.85
CA GLN C 340 -20.87 6.11 17.21
C GLN C 340 -21.31 4.79 17.85
N VAL C 341 -22.59 4.42 17.66
CA VAL C 341 -23.12 3.14 18.17
C VAL C 341 -22.35 1.93 17.60
N VAL C 342 -22.08 1.93 16.30
CA VAL C 342 -21.45 0.81 15.66
C VAL C 342 -19.97 0.72 16.06
N ASP C 343 -19.33 1.88 16.09
CA ASP C 343 -18.01 2.05 16.72
C ASP C 343 -17.92 1.40 18.14
N LEU C 344 -18.87 1.71 19.01
CA LEU C 344 -18.86 1.15 20.33
C LEU C 344 -19.14 -0.38 20.31
N ALA C 345 -20.09 -0.79 19.48
CA ALA C 345 -20.42 -2.19 19.27
C ALA C 345 -19.10 -2.97 18.90
N MET C 346 -18.36 -2.38 17.97
CA MET C 346 -17.07 -2.94 17.55
C MET C 346 -16.05 -3.01 18.69
N ARG C 347 -15.95 -1.96 19.49
CA ARG C 347 -15.05 -2.02 20.66
C ARG C 347 -15.48 -3.07 21.70
N VAL C 348 -16.79 -3.25 21.85
CA VAL C 348 -17.27 -4.33 22.73
C VAL C 348 -16.81 -5.72 22.26
N VAL C 349 -16.88 -5.98 20.98
CA VAL C 349 -16.57 -7.30 20.44
C VAL C 349 -15.06 -7.52 20.30
N GLY C 350 -14.35 -6.46 20.00
CA GLY C 350 -12.91 -6.50 19.96
C GLY C 350 -12.37 -6.79 18.58
N GLY C 351 -11.18 -7.39 18.56
CA GLY C 351 -10.50 -7.73 17.33
C GLY C 351 -11.29 -8.64 16.42
N ARG C 352 -12.06 -9.56 17.01
CA ARG C 352 -13.04 -10.40 16.31
C ARG C 352 -14.03 -9.57 15.48
N SER C 353 -14.36 -8.33 15.87
CA SER C 353 -15.25 -7.46 15.07
C SER C 353 -14.76 -7.17 13.64
N LEU C 354 -13.45 -7.33 13.39
CA LEU C 354 -12.95 -7.08 12.07
C LEU C 354 -13.31 -8.19 11.10
N SER C 355 -13.70 -9.37 11.64
CA SER C 355 -13.96 -10.58 10.82
C SER C 355 -15.14 -10.41 9.87
N ARG C 356 -14.91 -10.66 8.58
CA ARG C 356 -16.01 -10.66 7.59
C ARG C 356 -17.05 -11.83 7.72
N ALA C 357 -16.76 -12.83 8.56
CA ALA C 357 -17.70 -13.93 8.88
C ALA C 357 -18.79 -13.48 9.88
N LEU C 358 -18.65 -12.28 10.43
CA LEU C 358 -19.66 -11.66 11.27
C LEU C 358 -20.20 -10.41 10.56
N PRO C 359 -21.47 -10.06 10.84
CA PRO C 359 -22.09 -8.97 10.07
C PRO C 359 -21.69 -7.59 10.59
N LEU C 360 -21.01 -7.53 11.73
CA LEU C 360 -20.71 -6.28 12.40
C LEU C 360 -19.85 -5.33 11.55
N GLU C 361 -18.80 -5.86 10.94
CA GLU C 361 -17.98 -5.04 10.04
C GLU C 361 -18.72 -4.49 8.78
N ARG C 362 -19.72 -5.19 8.27
CA ARG C 362 -20.61 -4.62 7.23
C ARG C 362 -21.47 -3.45 7.80
N TYR C 363 -21.86 -3.54 9.06
CA TYR C 363 -22.63 -2.45 9.68
C TYR C 363 -21.79 -1.16 9.74
N TYR C 364 -20.51 -1.32 10.10
CA TYR C 364 -19.56 -0.21 10.21
C TYR C 364 -19.41 0.46 8.85
N ARG C 365 -19.35 -0.36 7.78
CA ARG C 365 -19.21 0.15 6.42
C ARG C 365 -20.48 0.82 5.94
N ASP C 366 -21.60 0.12 6.07
CA ASP C 366 -22.94 0.66 5.68
C ASP C 366 -23.26 2.05 6.34
N VAL C 367 -22.93 2.17 7.62
CA VAL C 367 -23.47 3.30 8.41
C VAL C 367 -22.81 4.63 8.08
N ARG C 368 -21.60 4.51 7.54
CA ARG C 368 -20.85 5.63 7.07
C ARG C 368 -21.58 6.47 6.02
N ALA C 369 -22.41 5.85 5.20
CA ALA C 369 -23.09 6.52 4.12
C ALA C 369 -24.04 7.65 4.55
N GLY C 370 -24.67 7.51 5.72
CA GLY C 370 -25.64 8.51 6.19
C GLY C 370 -25.08 9.92 6.34
N LEU C 371 -23.73 10.03 6.49
CA LEU C 371 -23.11 11.32 6.63
C LEU C 371 -23.19 12.07 5.36
N HIS C 372 -23.43 11.38 4.23
CA HIS C 372 -23.42 12.05 2.93
C HIS C 372 -24.72 12.06 2.22
N ASN C 373 -25.79 11.62 2.89
CA ASN C 373 -27.19 11.91 2.42
C ASN C 373 -27.57 13.27 2.99
N PRO C 374 -28.50 13.99 2.35
CA PRO C 374 -28.86 15.33 2.85
C PRO C 374 -29.80 15.27 4.06
N PRO C 375 -29.91 16.33 4.86
CA PRO C 375 -29.14 17.58 4.72
C PRO C 375 -27.75 17.49 5.38
N MET C 376 -26.84 18.36 5.00
CA MET C 376 -25.47 18.26 5.51
C MET C 376 -25.41 18.91 6.89
N ASP C 377 -24.53 18.36 7.73
CA ASP C 377 -24.37 18.80 9.14
C ASP C 377 -24.13 20.29 9.30
N ASP C 378 -23.21 20.88 8.54
CA ASP C 378 -23.00 22.33 8.59
C ASP C 378 -24.25 23.15 8.23
N VAL C 379 -25.05 22.66 7.27
CA VAL C 379 -26.31 23.29 6.90
C VAL C 379 -27.39 23.16 8.03
N VAL C 380 -27.45 22.00 8.65
CA VAL C 380 -28.33 21.72 9.78
C VAL C 380 -28.07 22.66 10.99
N TYR C 381 -26.79 22.82 11.34
CA TYR C 381 -26.44 23.75 12.45
C TYR C 381 -26.74 25.22 12.11
N ARG C 382 -26.37 25.61 10.90
CA ARG C 382 -26.67 26.93 10.39
C ARG C 382 -28.16 27.23 10.46
N ASN C 383 -28.99 26.31 9.96
CA ASN C 383 -30.44 26.49 9.91
C ASN C 383 -31.07 26.49 11.31
N LEU C 384 -30.54 25.65 12.22
CA LEU C 384 -30.92 25.65 13.64
C LEU C 384 -30.61 26.97 14.27
N ALA C 385 -29.42 27.50 13.98
CA ALA C 385 -29.06 28.82 14.49
C ALA C 385 -29.96 29.96 13.94
N LYS C 386 -30.27 29.93 12.65
CA LYS C 386 -31.07 30.97 12.01
C LYS C 386 -32.54 30.94 12.43
N ALA C 387 -33.06 29.74 12.64
CA ALA C 387 -34.41 29.59 13.20
C ALA C 387 -34.45 30.10 14.65
N ALA C 388 -33.39 29.83 15.42
CA ALA C 388 -33.34 30.34 16.81
C ALA C 388 -33.28 31.87 16.85
N LEU C 389 -32.44 32.43 15.97
CA LEU C 389 -32.35 33.88 15.79
C LEU C 389 -33.67 34.49 15.36
N ALA C 390 -34.42 33.82 14.48
CA ALA C 390 -35.73 34.31 14.03
C ALA C 390 -36.77 34.26 15.15
N ARG C 391 -36.78 33.20 15.97
CA ARG C 391 -37.73 33.14 17.12
C ARG C 391 -37.53 34.27 18.15
N ARG C 392 -36.28 34.56 18.49
CA ARG C 392 -35.91 35.76 19.28
C ARG C 392 -36.47 37.05 18.66
N ALA C 393 -36.21 37.24 17.36
CA ALA C 393 -36.72 38.39 16.58
C ALA C 393 -38.26 38.53 16.63
N ALA C 394 -38.97 37.41 16.53
CA ALA C 394 -40.45 37.37 16.64
C ALA C 394 -40.98 37.76 18.01
N GLY C 395 -40.18 37.57 19.07
CA GLY C 395 -40.52 38.05 20.41
C GLY C 395 -40.54 39.55 20.49
#